data_8FTG
#
_entry.id   8FTG
#
_cell.length_a   50.136
_cell.length_b   66.280
_cell.length_c   68.999
_cell.angle_alpha   111.620
_cell.angle_beta   95.200
_cell.angle_gamma   90.250
#
_symmetry.space_group_name_H-M   'P 1'
#
loop_
_entity.id
_entity.type
_entity.pdbx_description
1 polymer 'Anti-Caffeine VHH Antibody'
2 non-polymer CAFFEINE
3 non-polymer 2-AMINO-2-HYDROXYMETHYL-PROPANE-1,3-DIOL
4 non-polymer 'CHLORIDE ION'
5 water water
#
_entity_poly.entity_id   1
_entity_poly.type   'polypeptide(L)'
_entity_poly.pdbx_seq_one_letter_code
;GSQVQLVESGGGLVQAGGSLRLSCTASGRTGTIYSMAWFRQAPGKEREFLATVGWSSGITYYMDSVKGRFTISRDKGKNT
VYLQMDSLKPEDTAVYYCTATRAYSVGYDYWGQGTQVTVSS
;
_entity_poly.pdbx_strand_id   A,B,C,D,E,F,G,H
#
loop_
_chem_comp.id
_chem_comp.type
_chem_comp.name
_chem_comp.formula
CFF non-polymer CAFFEINE 'C8 H10 N4 O2'
CL non-polymer 'CHLORIDE ION' 'Cl -1'
TRS non-polymer 2-AMINO-2-HYDROXYMETHYL-PROPANE-1,3-DIOL 'C4 H12 N O3 1'
#
# COMPACT_ATOMS: atom_id res chain seq x y z
N SER A 2 -9.93 -24.96 -21.04
CA SER A 2 -8.52 -24.79 -20.70
C SER A 2 -7.79 -26.12 -20.71
N GLN A 3 -6.61 -26.14 -21.31
CA GLN A 3 -5.86 -27.39 -21.41
C GLN A 3 -5.22 -27.81 -20.09
N VAL A 4 -4.99 -26.86 -19.18
CA VAL A 4 -4.53 -27.13 -17.82
C VAL A 4 -5.47 -26.44 -16.86
N GLN A 5 -5.86 -27.15 -15.79
CA GLN A 5 -6.70 -26.59 -14.74
C GLN A 5 -5.97 -26.63 -13.42
N LEU A 6 -6.08 -25.55 -12.66
CA LEU A 6 -5.40 -25.42 -11.37
C LEU A 6 -6.45 -25.20 -10.28
N VAL A 7 -6.30 -25.88 -9.13
CA VAL A 7 -7.17 -25.67 -7.97
C VAL A 7 -6.31 -25.51 -6.73
N GLU A 8 -6.38 -24.34 -6.10
CA GLU A 8 -5.66 -24.08 -4.87
C GLU A 8 -6.50 -24.46 -3.66
N SER A 9 -5.81 -24.88 -2.61
CA SER A 9 -6.39 -25.18 -1.31
CA SER A 9 -6.41 -25.15 -1.32
C SER A 9 -5.40 -24.79 -0.22
N GLY A 10 -5.82 -24.95 1.02
CA GLY A 10 -4.94 -24.79 2.16
C GLY A 10 -5.08 -23.50 2.92
N GLY A 11 -5.79 -22.53 2.37
CA GLY A 11 -5.97 -21.25 3.03
C GLY A 11 -6.83 -21.36 4.28
N GLY A 12 -7.03 -20.22 4.91
CA GLY A 12 -7.79 -20.12 6.11
C GLY A 12 -7.36 -18.90 6.90
N LEU A 13 -7.77 -18.88 8.17
CA LEU A 13 -7.49 -17.80 9.10
C LEU A 13 -6.55 -18.31 10.17
N VAL A 14 -5.46 -17.56 10.41
CA VAL A 14 -4.55 -17.85 11.52
C VAL A 14 -4.23 -16.55 12.23
N GLN A 15 -3.72 -16.67 13.44
CA GLN A 15 -3.20 -15.50 14.15
C GLN A 15 -1.73 -15.27 13.79
N ALA A 16 -1.30 -14.02 13.92
CA ALA A 16 0.08 -13.67 13.64
C ALA A 16 1.04 -14.60 14.39
N GLY A 17 2.09 -15.04 13.68
CA GLY A 17 3.05 -16.00 14.17
C GLY A 17 2.76 -17.42 13.70
N GLY A 18 1.55 -17.68 13.23
CA GLY A 18 1.17 -19.00 12.82
C GLY A 18 1.67 -19.35 11.43
N SER A 19 1.26 -20.53 10.97
CA SER A 19 1.71 -21.11 9.71
C SER A 19 0.52 -21.65 8.95
N LEU A 20 0.68 -21.72 7.62
CA LEU A 20 -0.26 -22.35 6.71
C LEU A 20 0.56 -23.03 5.63
N ARG A 21 0.00 -24.06 5.05
CA ARG A 21 0.58 -24.71 3.88
C ARG A 21 -0.45 -24.69 2.76
N LEU A 22 -0.19 -23.93 1.70
CA LEU A 22 -1.05 -23.91 0.54
C LEU A 22 -0.65 -25.03 -0.41
N SER A 23 -1.62 -25.51 -1.16
CA SER A 23 -1.32 -26.46 -2.22
C SER A 23 -2.15 -26.13 -3.45
N CYS A 24 -1.70 -26.65 -4.59
CA CYS A 24 -2.43 -26.44 -5.84
C CYS A 24 -2.24 -27.68 -6.68
N THR A 25 -3.32 -28.29 -7.10
CA THR A 25 -3.23 -29.42 -8.00
C THR A 25 -3.48 -28.98 -9.42
N ALA A 26 -2.67 -29.51 -10.34
CA ALA A 26 -2.82 -29.25 -11.75
C ALA A 26 -3.36 -30.50 -12.44
N SER A 27 -4.28 -30.29 -13.37
CA SER A 27 -4.84 -31.40 -14.13
C SER A 27 -4.85 -31.01 -15.60
N GLY A 28 -4.99 -32.01 -16.45
CA GLY A 28 -4.98 -31.78 -17.88
C GLY A 28 -3.61 -32.03 -18.47
N ARG A 29 -3.14 -31.13 -19.34
CA ARG A 29 -1.90 -31.35 -20.10
C ARG A 29 -0.70 -30.89 -19.26
N THR A 30 -0.52 -31.58 -18.15
CA THR A 30 0.48 -31.16 -17.19
C THR A 30 1.89 -31.35 -17.72
N GLY A 31 2.06 -32.20 -18.73
CA GLY A 31 3.37 -32.35 -19.34
C GLY A 31 3.86 -31.11 -20.04
N THR A 32 2.96 -30.16 -20.35
CA THR A 32 3.35 -28.92 -20.99
C THR A 32 3.83 -27.88 -19.99
N ILE A 33 3.77 -28.15 -18.68
CA ILE A 33 4.12 -27.15 -17.67
C ILE A 33 5.63 -27.04 -17.54
N TYR A 34 6.16 -25.83 -17.67
CA TYR A 34 7.57 -25.57 -17.41
C TYR A 34 7.83 -25.13 -15.97
N SER A 35 6.97 -24.31 -15.39
CA SER A 35 7.17 -23.80 -14.04
C SER A 35 5.79 -23.44 -13.47
N MET A 36 5.75 -23.37 -12.14
CA MET A 36 4.56 -22.91 -11.42
CA MET A 36 4.58 -22.96 -11.37
C MET A 36 5.00 -21.83 -10.45
N ALA A 37 4.09 -20.91 -10.17
CA ALA A 37 4.41 -19.76 -9.33
C ALA A 37 3.22 -19.38 -8.48
N TRP A 38 3.51 -18.83 -7.30
CA TRP A 38 2.50 -18.27 -6.43
C TRP A 38 2.54 -16.75 -6.47
N PHE A 39 1.35 -16.17 -6.46
CA PHE A 39 1.09 -14.75 -6.41
C PHE A 39 0.14 -14.51 -5.23
N ARG A 40 0.02 -13.25 -4.81
CA ARG A 40 -1.04 -12.90 -3.87
C ARG A 40 -1.60 -11.55 -4.25
N GLN A 41 -2.86 -11.34 -3.87
CA GLN A 41 -3.53 -10.08 -4.14
C GLN A 41 -4.25 -9.67 -2.87
N ALA A 42 -3.79 -8.60 -2.23
CA ALA A 42 -4.46 -8.03 -1.09
C ALA A 42 -5.58 -7.15 -1.59
N PRO A 43 -6.60 -6.89 -0.76
CA PRO A 43 -7.76 -6.15 -1.24
C PRO A 43 -7.39 -4.79 -1.79
N GLY A 44 -7.84 -4.54 -3.03
CA GLY A 44 -7.60 -3.26 -3.68
C GLY A 44 -6.24 -3.10 -4.32
N LYS A 45 -5.36 -4.09 -4.22
CA LYS A 45 -4.01 -4.00 -4.72
C LYS A 45 -3.85 -4.86 -5.96
N GLU A 46 -2.69 -4.73 -6.58
CA GLU A 46 -2.34 -5.52 -7.75
C GLU A 46 -1.85 -6.90 -7.33
N ARG A 47 -1.81 -7.81 -8.29
CA ARG A 47 -1.30 -9.14 -8.02
C ARG A 47 0.21 -9.05 -7.88
N GLU A 48 0.74 -9.69 -6.84
CA GLU A 48 2.16 -9.66 -6.53
C GLU A 48 2.76 -11.04 -6.73
N PHE A 49 3.75 -11.14 -7.61
CA PHE A 49 4.52 -12.35 -7.78
C PHE A 49 5.35 -12.62 -6.52
N LEU A 50 5.33 -13.86 -6.03
CA LEU A 50 6.06 -14.26 -4.83
C LEU A 50 7.20 -15.23 -5.06
N ALA A 51 6.96 -16.35 -5.74
CA ALA A 51 7.97 -17.41 -5.85
C ALA A 51 7.59 -18.33 -7.00
N THR A 52 8.59 -19.01 -7.53
CA THR A 52 8.42 -19.96 -8.63
C THR A 52 9.27 -21.20 -8.42
N VAL A 53 8.79 -22.31 -8.99
CA VAL A 53 9.49 -23.59 -9.00
C VAL A 53 9.48 -24.16 -10.40
N GLY A 54 10.64 -24.66 -10.81
CA GLY A 54 10.74 -25.36 -12.09
C GLY A 54 10.08 -26.74 -11.99
N TRP A 55 9.22 -27.05 -12.95
CA TRP A 55 8.42 -28.27 -12.85
C TRP A 55 9.28 -29.51 -13.00
N SER A 56 10.21 -29.50 -13.95
CA SER A 56 11.06 -30.68 -14.14
C SER A 56 12.18 -30.76 -13.12
N SER A 57 12.79 -29.61 -12.78
CA SER A 57 14.03 -29.51 -12.01
C SER A 57 13.82 -29.32 -10.52
N GLY A 58 12.74 -28.67 -10.11
CA GLY A 58 12.59 -28.29 -8.72
C GLY A 58 13.39 -27.09 -8.29
N ILE A 59 14.08 -26.42 -9.21
CA ILE A 59 14.78 -25.19 -8.90
C ILE A 59 13.78 -24.13 -8.50
N THR A 60 14.17 -23.25 -7.59
CA THR A 60 13.25 -22.25 -7.02
C THR A 60 13.85 -20.84 -7.10
N TYR A 61 12.95 -19.85 -7.06
CA TYR A 61 13.29 -18.45 -6.97
C TYR A 61 12.24 -17.75 -6.12
N TYR A 62 12.71 -16.87 -5.22
CA TYR A 62 11.85 -16.14 -4.30
C TYR A 62 12.07 -14.64 -4.40
N MET A 63 10.99 -13.87 -4.31
CA MET A 63 11.13 -12.44 -4.10
C MET A 63 11.48 -12.18 -2.63
N ASP A 64 12.14 -11.04 -2.39
CA ASP A 64 12.59 -10.71 -1.04
C ASP A 64 11.44 -10.58 -0.04
N SER A 65 10.23 -10.30 -0.51
CA SER A 65 9.09 -10.16 0.40
C SER A 65 8.78 -11.45 1.17
N VAL A 66 9.17 -12.60 0.65
CA VAL A 66 8.77 -13.87 1.25
C VAL A 66 9.96 -14.78 1.48
N LYS A 67 11.12 -14.45 0.92
CA LYS A 67 12.26 -15.33 1.03
C LYS A 67 12.55 -15.55 2.50
N GLY A 68 12.89 -16.78 2.87
CA GLY A 68 13.18 -17.05 4.26
C GLY A 68 11.99 -17.14 5.22
N ARG A 69 10.77 -16.93 4.77
CA ARG A 69 9.58 -17.36 5.50
C ARG A 69 8.73 -18.33 4.71
N PHE A 70 8.71 -18.24 3.39
CA PHE A 70 7.87 -19.12 2.59
C PHE A 70 8.78 -20.06 1.80
N THR A 71 8.32 -21.29 1.60
CA THR A 71 9.01 -22.29 0.80
C THR A 71 8.07 -22.84 -0.26
N ILE A 72 8.50 -22.79 -1.52
CA ILE A 72 7.75 -23.38 -2.62
C ILE A 72 8.40 -24.71 -2.97
N SER A 73 7.57 -25.70 -3.29
CA SER A 73 8.04 -27.03 -3.67
C SER A 73 6.95 -27.70 -4.48
N ARG A 74 7.27 -28.85 -5.08
CA ARG A 74 6.26 -29.57 -5.82
C ARG A 74 6.51 -31.05 -5.72
N ASP A 75 5.42 -31.80 -5.70
CA ASP A 75 5.45 -33.25 -5.85
C ASP A 75 4.96 -33.53 -7.27
N LYS A 76 5.91 -33.81 -8.17
CA LYS A 76 5.56 -33.89 -9.57
C LYS A 76 4.65 -35.07 -9.84
N GLY A 77 4.89 -36.18 -9.16
CA GLY A 77 4.10 -37.38 -9.41
C GLY A 77 2.64 -37.20 -9.02
N LYS A 78 2.36 -36.28 -8.08
CA LYS A 78 1.01 -35.94 -7.65
C LYS A 78 0.48 -34.69 -8.31
N ASN A 79 1.24 -34.12 -9.26
CA ASN A 79 0.83 -32.92 -9.96
C ASN A 79 0.41 -31.81 -9.00
N THR A 80 1.15 -31.66 -7.90
CA THR A 80 0.77 -30.71 -6.87
C THR A 80 1.96 -29.84 -6.48
N VAL A 81 1.70 -28.53 -6.34
CA VAL A 81 2.69 -27.55 -5.88
C VAL A 81 2.24 -27.03 -4.52
N TYR A 82 3.21 -26.69 -3.69
CA TYR A 82 2.97 -26.27 -2.32
C TYR A 82 3.62 -24.92 -2.04
N LEU A 83 3.01 -24.18 -1.11
CA LEU A 83 3.64 -22.99 -0.54
C LEU A 83 3.53 -23.07 0.98
N GLN A 84 4.63 -23.39 1.64
CA GLN A 84 4.70 -23.40 3.08
C GLN A 84 4.91 -21.97 3.54
N MET A 85 4.07 -21.51 4.46
CA MET A 85 4.09 -20.13 4.90
CA MET A 85 4.06 -20.13 4.90
C MET A 85 4.24 -20.10 6.42
N ASP A 86 5.42 -19.70 6.87
CA ASP A 86 5.71 -19.64 8.29
C ASP A 86 5.81 -18.20 8.77
N SER A 87 5.65 -18.04 10.08
CA SER A 87 5.79 -16.75 10.73
C SER A 87 4.93 -15.68 10.04
N LEU A 88 3.66 -16.03 9.87
CA LEU A 88 2.74 -15.15 9.16
C LEU A 88 2.49 -13.86 9.92
N LYS A 89 2.33 -12.79 9.17
CA LYS A 89 2.07 -11.45 9.68
C LYS A 89 0.75 -10.94 9.12
N PRO A 90 0.11 -10.00 9.79
CA PRO A 90 -1.15 -9.45 9.27
C PRO A 90 -1.07 -9.02 7.80
N GLU A 91 0.04 -8.40 7.43
CA GLU A 91 0.24 -7.90 6.07
C GLU A 91 0.33 -9.01 5.02
N ASP A 92 0.39 -10.28 5.43
CA ASP A 92 0.33 -11.39 4.49
C ASP A 92 -1.11 -11.75 4.10
N THR A 93 -2.10 -11.08 4.65
CA THR A 93 -3.50 -11.34 4.33
C THR A 93 -3.77 -10.99 2.88
N ALA A 94 -4.32 -11.94 2.12
CA ALA A 94 -4.53 -11.77 0.69
C ALA A 94 -5.17 -13.03 0.15
N VAL A 95 -5.67 -12.96 -1.09
CA VAL A 95 -5.98 -14.16 -1.87
C VAL A 95 -4.70 -14.62 -2.55
N TYR A 96 -4.34 -15.89 -2.37
CA TYR A 96 -3.12 -16.47 -2.94
C TYR A 96 -3.49 -17.31 -4.15
N TYR A 97 -2.82 -17.04 -5.27
CA TYR A 97 -3.10 -17.69 -6.54
C TYR A 97 -1.89 -18.51 -6.94
N CYS A 98 -2.15 -19.66 -7.50
CA CYS A 98 -1.12 -20.43 -8.17
C CYS A 98 -1.32 -20.34 -9.67
N THR A 99 -0.21 -20.42 -10.40
CA THR A 99 -0.20 -20.26 -11.84
C THR A 99 0.72 -21.31 -12.41
N ALA A 100 0.57 -21.54 -13.71
CA ALA A 100 1.47 -22.38 -14.47
C ALA A 100 1.88 -21.65 -15.73
N THR A 101 3.15 -21.85 -16.08
CA THR A 101 3.71 -21.33 -17.31
C THR A 101 4.05 -22.51 -18.21
N ARG A 102 3.55 -22.46 -19.45
CA ARG A 102 3.76 -23.53 -20.42
C ARG A 102 5.17 -23.45 -20.98
N ALA A 103 5.74 -24.61 -21.29
CA ALA A 103 6.98 -24.65 -22.05
C ALA A 103 6.82 -23.88 -23.37
N TYR A 104 7.82 -23.07 -23.68
CA TYR A 104 7.88 -22.24 -24.88
C TYR A 104 6.94 -21.05 -24.85
N SER A 105 6.30 -20.80 -23.71
CA SER A 105 5.53 -19.58 -23.51
C SER A 105 6.33 -18.64 -22.60
N VAL A 106 5.69 -17.54 -22.22
CA VAL A 106 6.22 -16.62 -21.22
C VAL A 106 5.06 -16.17 -20.35
N GLY A 107 5.40 -15.66 -19.19
CA GLY A 107 4.34 -15.16 -18.34
C GLY A 107 3.56 -16.30 -17.70
N TYR A 108 2.29 -16.03 -17.45
CA TYR A 108 1.48 -16.85 -16.56
C TYR A 108 0.22 -17.28 -17.31
N ASP A 109 0.33 -18.44 -17.96
CA ASP A 109 -0.67 -18.88 -18.92
C ASP A 109 -1.94 -19.31 -18.23
N TYR A 110 -1.83 -20.02 -17.10
CA TYR A 110 -2.96 -20.60 -16.39
C TYR A 110 -2.97 -20.10 -14.95
N TRP A 111 -4.15 -19.80 -14.44
CA TRP A 111 -4.37 -19.29 -13.10
C TRP A 111 -5.46 -20.09 -12.42
N GLY A 112 -5.30 -20.37 -11.13
CA GLY A 112 -6.38 -20.90 -10.32
C GLY A 112 -7.33 -19.79 -9.88
N GLN A 113 -8.33 -20.19 -9.09
CA GLN A 113 -9.29 -19.26 -8.52
C GLN A 113 -8.85 -18.65 -7.21
N GLY A 114 -7.71 -19.09 -6.68
CA GLY A 114 -7.17 -18.54 -5.45
C GLY A 114 -7.65 -19.26 -4.21
N THR A 115 -6.91 -19.03 -3.12
CA THR A 115 -7.29 -19.45 -1.78
C THR A 115 -7.06 -18.30 -0.82
N GLN A 116 -8.06 -18.02 0.00
CA GLN A 116 -7.97 -16.91 0.94
C GLN A 116 -7.03 -17.25 2.09
N VAL A 117 -6.19 -16.28 2.45
CA VAL A 117 -5.34 -16.34 3.63
C VAL A 117 -5.61 -15.10 4.45
N THR A 118 -6.01 -15.28 5.70
CA THR A 118 -6.29 -14.17 6.61
C THR A 118 -5.42 -14.34 7.84
N VAL A 119 -4.65 -13.30 8.17
CA VAL A 119 -3.79 -13.31 9.34
C VAL A 119 -4.24 -12.16 10.22
N SER A 120 -4.74 -12.49 11.40
CA SER A 120 -5.16 -11.48 12.35
C SER A 120 -4.02 -11.20 13.33
N SER A 121 -4.23 -10.21 14.17
CA SER A 121 -3.26 -9.97 15.24
C SER A 121 -3.22 -11.18 16.19
N GLN B 3 27.51 -13.17 -16.09
CA GLN B 3 27.61 -13.64 -17.46
C GLN B 3 26.79 -12.78 -18.41
N VAL B 4 25.76 -12.13 -17.87
CA VAL B 4 24.93 -11.19 -18.60
C VAL B 4 24.86 -9.91 -17.78
N GLN B 5 24.97 -8.77 -18.45
CA GLN B 5 24.83 -7.47 -17.80
C GLN B 5 23.73 -6.69 -18.51
N LEU B 6 22.94 -5.95 -17.74
CA LEU B 6 21.80 -5.20 -18.24
C LEU B 6 21.96 -3.75 -17.86
N VAL B 7 21.68 -2.85 -18.81
CA VAL B 7 21.73 -1.39 -18.57
C VAL B 7 20.46 -0.76 -19.10
N GLU B 8 19.70 -0.12 -18.21
CA GLU B 8 18.44 0.51 -18.58
C GLU B 8 18.66 1.97 -18.93
N SER B 9 17.84 2.45 -19.86
CA SER B 9 17.81 3.84 -20.28
C SER B 9 16.37 4.29 -20.42
N GLY B 10 16.18 5.60 -20.40
CA GLY B 10 14.88 6.21 -20.59
C GLY B 10 14.31 6.68 -19.27
N GLY B 11 13.16 7.34 -19.34
CA GLY B 11 12.46 7.71 -18.14
C GLY B 11 12.68 9.15 -17.76
N GLY B 12 12.81 9.41 -16.47
CA GLY B 12 12.87 10.75 -15.96
C GLY B 12 11.49 11.34 -15.76
N LEU B 13 11.44 12.67 -15.77
CA LEU B 13 10.20 13.38 -15.50
C LEU B 13 9.33 13.38 -16.75
N VAL B 14 8.03 13.09 -16.59
CA VAL B 14 7.07 13.08 -17.68
C VAL B 14 5.72 13.58 -17.18
N GLN B 15 5.01 14.29 -18.02
CA GLN B 15 3.71 14.81 -17.63
C GLN B 15 2.67 13.71 -17.65
N ALA B 16 1.71 13.80 -16.74
CA ALA B 16 0.67 12.76 -16.65
C ALA B 16 -0.15 12.72 -17.92
N GLY B 17 -0.69 11.53 -18.22
CA GLY B 17 -1.37 11.27 -19.46
C GLY B 17 -0.45 11.01 -20.63
N GLY B 18 0.83 11.36 -20.49
CA GLY B 18 1.76 11.24 -21.58
C GLY B 18 2.35 9.84 -21.66
N SER B 19 3.46 9.75 -22.37
CA SER B 19 4.10 8.48 -22.67
C SER B 19 5.60 8.61 -22.46
N LEU B 20 6.23 7.48 -22.15
CA LEU B 20 7.68 7.35 -22.07
C LEU B 20 8.01 6.00 -22.67
N ARG B 21 9.20 5.87 -23.27
CA ARG B 21 9.72 4.57 -23.71
C ARG B 21 11.01 4.27 -22.95
N LEU B 22 11.03 3.13 -22.24
CA LEU B 22 12.25 2.67 -21.60
C LEU B 22 12.91 1.62 -22.46
N SER B 23 14.22 1.47 -22.28
CA SER B 23 14.93 0.43 -22.99
C SER B 23 15.94 -0.20 -22.05
N CYS B 24 16.40 -1.39 -22.42
CA CYS B 24 17.46 -2.04 -21.69
C CYS B 24 18.29 -2.86 -22.64
N THR B 25 19.60 -2.66 -22.62
N THR B 25 19.60 -2.66 -22.62
CA THR B 25 20.48 -3.44 -23.48
CA THR B 25 20.51 -3.42 -23.48
C THR B 25 21.22 -4.48 -22.65
C THR B 25 21.23 -4.47 -22.66
N ALA B 26 21.27 -5.70 -23.17
CA ALA B 26 21.95 -6.80 -22.53
C ALA B 26 23.30 -7.01 -23.21
N SER B 27 24.31 -7.31 -22.41
CA SER B 27 25.62 -7.64 -22.91
C SER B 27 26.09 -8.92 -22.26
N GLY B 28 27.11 -9.52 -22.86
CA GLY B 28 27.63 -10.79 -22.37
C GLY B 28 27.02 -11.97 -23.08
N ARG B 29 26.68 -13.02 -22.32
CA ARG B 29 26.19 -14.28 -22.89
C ARG B 29 24.71 -14.15 -23.28
N THR B 30 24.43 -13.24 -24.20
CA THR B 30 23.04 -12.95 -24.53
C THR B 30 22.35 -14.12 -25.22
N GLY B 31 23.11 -15.03 -25.83
CA GLY B 31 22.48 -16.19 -26.44
C GLY B 31 21.83 -17.13 -25.46
N THR B 32 22.12 -16.99 -24.17
CA THR B 32 21.54 -17.82 -23.13
C THR B 32 20.20 -17.27 -22.63
N ILE B 33 19.77 -16.10 -23.09
CA ILE B 33 18.59 -15.45 -22.54
C ILE B 33 17.35 -16.11 -23.12
N TYR B 34 16.46 -16.60 -22.25
CA TYR B 34 15.16 -17.11 -22.69
C TYR B 34 14.10 -16.01 -22.76
N SER B 35 14.05 -15.12 -21.76
CA SER B 35 13.04 -14.06 -21.74
C SER B 35 13.59 -12.89 -20.94
N MET B 36 12.97 -11.74 -21.15
CA MET B 36 13.27 -10.55 -20.38
C MET B 36 11.97 -9.98 -19.83
N ALA B 37 12.07 -9.27 -18.70
CA ALA B 37 10.88 -8.79 -18.02
C ALA B 37 11.16 -7.47 -17.32
N TRP B 38 10.13 -6.66 -17.23
CA TRP B 38 10.19 -5.41 -16.50
C TRP B 38 9.41 -5.55 -15.18
N PHE B 39 9.98 -4.95 -14.14
CA PHE B 39 9.43 -4.81 -12.79
C PHE B 39 9.43 -3.33 -12.44
N ARG B 40 8.70 -2.98 -11.38
CA ARG B 40 8.81 -1.64 -10.83
C ARG B 40 8.68 -1.70 -9.31
N GLN B 41 9.21 -0.66 -8.68
CA GLN B 41 9.17 -0.57 -7.24
C GLN B 41 8.79 0.85 -6.86
N ALA B 42 7.59 1.03 -6.33
CA ALA B 42 7.17 2.32 -5.81
C ALA B 42 7.80 2.52 -4.42
N PRO B 43 7.84 3.76 -3.93
CA PRO B 43 8.64 4.05 -2.72
C PRO B 43 8.19 3.24 -1.52
N GLY B 44 9.14 2.54 -0.90
CA GLY B 44 8.86 1.74 0.26
C GLY B 44 8.08 0.47 0.00
N LYS B 45 7.88 0.08 -1.26
CA LYS B 45 7.06 -1.07 -1.62
C LYS B 45 7.91 -2.18 -2.21
N GLU B 46 7.27 -3.31 -2.51
CA GLU B 46 7.99 -4.43 -3.09
C GLU B 46 8.14 -4.23 -4.59
N ARG B 47 9.10 -4.97 -5.17
CA ARG B 47 9.22 -4.98 -6.61
C ARG B 47 8.06 -5.76 -7.19
N GLU B 48 7.40 -5.16 -8.18
CA GLU B 48 6.19 -5.69 -8.81
C GLU B 48 6.52 -6.12 -10.23
N PHE B 49 6.26 -7.38 -10.55
CA PHE B 49 6.37 -7.89 -11.91
C PHE B 49 5.31 -7.25 -12.80
N LEU B 50 5.72 -6.80 -14.00
CA LEU B 50 4.82 -6.13 -14.95
C LEU B 50 4.58 -6.89 -16.24
N ALA B 51 5.64 -7.28 -16.94
CA ALA B 51 5.49 -7.80 -18.30
C ALA B 51 6.76 -8.52 -18.71
N THR B 52 6.61 -9.45 -19.65
CA THR B 52 7.72 -10.28 -20.14
C THR B 52 7.60 -10.49 -21.64
N VAL B 53 8.76 -10.68 -22.27
CA VAL B 53 8.86 -10.99 -23.69
C VAL B 53 9.79 -12.19 -23.89
N GLY B 54 9.37 -13.13 -24.74
CA GLY B 54 10.22 -14.24 -25.13
C GLY B 54 11.34 -13.77 -26.07
N TRP B 55 12.58 -14.12 -25.74
CA TRP B 55 13.70 -13.61 -26.51
C TRP B 55 13.72 -14.15 -27.93
N SER B 56 13.48 -15.44 -28.11
CA SER B 56 13.50 -16.00 -29.45
C SER B 56 12.25 -15.67 -30.24
N SER B 57 11.08 -15.79 -29.59
CA SER B 57 9.80 -15.71 -30.28
C SER B 57 9.20 -14.31 -30.30
N GLY B 58 9.51 -13.47 -29.32
CA GLY B 58 8.78 -12.21 -29.21
C GLY B 58 7.39 -12.33 -28.62
N ILE B 59 6.99 -13.50 -28.14
CA ILE B 59 5.71 -13.63 -27.43
C ILE B 59 5.76 -12.76 -26.18
N THR B 60 4.61 -12.20 -25.79
CA THR B 60 4.54 -11.26 -24.68
C THR B 60 3.47 -11.69 -23.68
N TYR B 61 3.63 -11.22 -22.43
CA TYR B 61 2.63 -11.37 -21.40
C TYR B 61 2.65 -10.12 -20.53
N TYR B 62 1.46 -9.65 -20.15
CA TYR B 62 1.28 -8.46 -19.31
C TYR B 62 0.43 -8.78 -18.12
N MET B 63 0.84 -8.29 -16.95
CA MET B 63 -0.06 -8.28 -15.80
C MET B 63 -1.23 -7.33 -16.03
N ASP B 64 -2.35 -7.61 -15.36
CA ASP B 64 -3.55 -6.79 -15.50
C ASP B 64 -3.29 -5.35 -15.10
N SER B 65 -2.31 -5.09 -14.23
CA SER B 65 -2.01 -3.73 -13.82
C SER B 65 -1.60 -2.83 -14.98
N VAL B 66 -1.02 -3.40 -16.05
CA VAL B 66 -0.47 -2.59 -17.15
C VAL B 66 -0.98 -3.02 -18.52
N LYS B 67 -1.73 -4.12 -18.59
CA LYS B 67 -2.16 -4.64 -19.89
C LYS B 67 -3.10 -3.63 -20.55
N GLY B 68 -2.88 -3.37 -21.83
CA GLY B 68 -3.67 -2.39 -22.55
C GLY B 68 -3.17 -0.98 -22.42
N ARG B 69 -2.06 -0.75 -21.65
CA ARG B 69 -1.40 0.56 -21.54
C ARG B 69 0.08 0.53 -21.87
N PHE B 70 0.82 -0.50 -21.44
CA PHE B 70 2.24 -0.63 -21.75
C PHE B 70 2.41 -1.70 -22.83
N THR B 71 3.48 -1.59 -23.61
CA THR B 71 3.85 -2.58 -24.61
C THR B 71 5.31 -2.93 -24.43
N ILE B 72 5.61 -4.22 -24.34
CA ILE B 72 6.97 -4.73 -24.24
C ILE B 72 7.33 -5.33 -25.60
N SER B 73 8.58 -5.12 -26.02
CA SER B 73 9.06 -5.64 -27.30
C SER B 73 10.57 -5.80 -27.20
N ARG B 74 11.17 -6.44 -28.20
CA ARG B 74 12.62 -6.56 -28.20
C ARG B 74 13.17 -6.54 -29.61
N ASP B 75 14.42 -6.09 -29.73
CA ASP B 75 15.19 -6.17 -30.96
C ASP B 75 16.37 -7.08 -30.66
N LYS B 76 16.26 -8.35 -31.08
CA LYS B 76 17.28 -9.34 -30.71
C LYS B 76 18.64 -8.96 -31.28
N GLY B 77 18.67 -8.49 -32.52
CA GLY B 77 19.94 -8.12 -33.14
C GLY B 77 20.67 -7.02 -32.41
N LYS B 78 19.93 -6.12 -31.75
CA LYS B 78 20.50 -5.05 -30.96
C LYS B 78 20.58 -5.39 -29.48
N ASN B 79 20.21 -6.61 -29.10
CA ASN B 79 20.27 -7.04 -27.71
C ASN B 79 19.51 -6.09 -26.78
N THR B 80 18.39 -5.56 -27.26
CA THR B 80 17.68 -4.51 -26.54
C THR B 80 16.21 -4.86 -26.38
N VAL B 81 15.69 -4.61 -25.18
CA VAL B 81 14.28 -4.76 -24.88
C VAL B 81 13.73 -3.38 -24.55
N TYR B 82 12.45 -3.17 -24.85
CA TYR B 82 11.78 -1.89 -24.73
C TYR B 82 10.51 -2.04 -23.92
N LEU B 83 10.16 -0.99 -23.18
CA LEU B 83 8.86 -0.88 -22.52
C LEU B 83 8.27 0.47 -22.91
N GLN B 84 7.28 0.45 -23.78
CA GLN B 84 6.56 1.65 -24.18
C GLN B 84 5.47 1.84 -23.15
N MET B 85 5.46 2.99 -22.51
CA MET B 85 4.53 3.26 -21.42
C MET B 85 3.62 4.39 -21.87
N ASP B 86 2.38 4.06 -22.19
CA ASP B 86 1.38 5.03 -22.61
C ASP B 86 0.35 5.17 -21.50
N SER B 87 -0.47 6.22 -21.59
CA SER B 87 -1.56 6.41 -20.64
C SER B 87 -1.06 6.35 -19.21
N LEU B 88 0.07 6.99 -18.95
CA LEU B 88 0.67 6.94 -17.63
C LEU B 88 -0.22 7.63 -16.59
N LYS B 89 -0.18 7.13 -15.37
CA LYS B 89 -0.97 7.60 -14.24
C LYS B 89 -0.02 7.90 -13.10
N PRO B 90 -0.42 8.74 -12.14
CA PRO B 90 0.48 9.04 -11.02
C PRO B 90 1.01 7.81 -10.32
N GLU B 91 0.15 6.79 -10.16
CA GLU B 91 0.58 5.61 -9.43
C GLU B 91 1.54 4.75 -10.24
N ASP B 92 1.88 5.10 -11.49
CA ASP B 92 2.99 4.46 -12.21
C ASP B 92 4.36 5.00 -11.80
N THR B 93 4.42 6.04 -10.95
CA THR B 93 5.72 6.55 -10.49
C THR B 93 6.44 5.47 -9.72
N ALA B 94 7.68 5.18 -10.12
CA ALA B 94 8.43 4.09 -9.48
C ALA B 94 9.81 4.04 -10.12
N VAL B 95 10.70 3.25 -9.51
CA VAL B 95 11.92 2.82 -10.17
C VAL B 95 11.60 1.57 -11.00
N TYR B 96 11.93 1.59 -12.28
CA TYR B 96 11.64 0.49 -13.21
C TYR B 96 12.92 -0.29 -13.45
N TYR B 97 12.83 -1.61 -13.34
CA TYR B 97 13.95 -2.52 -13.43
C TYR B 97 13.69 -3.49 -14.58
N CYS B 98 14.71 -3.75 -15.35
CA CYS B 98 14.65 -4.80 -16.35
C CYS B 98 15.43 -6.01 -15.87
N THR B 99 14.99 -7.19 -16.30
CA THR B 99 15.59 -8.45 -15.87
C THR B 99 15.69 -9.36 -17.07
N ALA B 100 16.54 -10.39 -16.93
CA ALA B 100 16.67 -11.46 -17.91
C ALA B 100 16.66 -12.78 -17.18
N THR B 101 16.05 -13.78 -17.82
CA THR B 101 16.00 -15.14 -17.30
C THR B 101 16.72 -16.04 -18.28
N ARG B 102 17.69 -16.80 -17.78
CA ARG B 102 18.47 -17.72 -18.58
C ARG B 102 17.64 -18.96 -18.95
N ALA B 103 17.93 -19.51 -20.12
CA ALA B 103 17.31 -20.75 -20.51
C ALA B 103 17.56 -21.83 -19.46
N TYR B 104 16.50 -22.55 -19.10
CA TYR B 104 16.50 -23.66 -18.14
C TYR B 104 16.66 -23.18 -16.71
N SER B 105 16.57 -21.88 -16.46
CA SER B 105 16.46 -21.32 -15.13
C SER B 105 14.99 -21.03 -14.82
N VAL B 106 14.76 -20.46 -13.64
CA VAL B 106 13.44 -19.98 -13.23
C VAL B 106 13.65 -18.68 -12.49
N GLY B 107 12.61 -17.87 -12.47
CA GLY B 107 12.72 -16.59 -11.80
C GLY B 107 13.54 -15.62 -12.63
N TYR B 108 14.34 -14.79 -11.96
CA TYR B 108 14.89 -13.56 -12.54
C TYR B 108 16.38 -13.54 -12.23
N ASP B 109 17.18 -14.04 -13.18
CA ASP B 109 18.60 -14.30 -12.94
C ASP B 109 19.42 -13.02 -12.92
N TYR B 110 19.12 -12.08 -13.81
CA TYR B 110 19.92 -10.89 -14.01
C TYR B 110 19.02 -9.67 -13.90
N TRP B 111 19.52 -8.64 -13.24
CA TRP B 111 18.78 -7.42 -12.95
C TRP B 111 19.61 -6.20 -13.35
N GLY B 112 18.94 -5.20 -13.93
CA GLY B 112 19.54 -3.89 -14.10
C GLY B 112 19.50 -3.10 -12.81
N GLN B 113 20.10 -1.92 -12.85
CA GLN B 113 20.17 -1.06 -11.69
C GLN B 113 18.95 -0.17 -11.52
N GLY B 114 18.09 -0.10 -12.52
CA GLY B 114 16.84 0.64 -12.43
C GLY B 114 16.94 2.03 -13.06
N THR B 115 15.78 2.55 -13.49
CA THR B 115 15.67 3.93 -13.96
C THR B 115 14.37 4.52 -13.40
N GLN B 116 14.48 5.73 -12.88
CA GLN B 116 13.33 6.39 -12.28
C GLN B 116 12.38 6.90 -13.35
N VAL B 117 11.09 6.67 -13.10
CA VAL B 117 10.01 7.31 -13.85
C VAL B 117 9.18 8.09 -12.85
N THR B 118 9.00 9.38 -13.10
CA THR B 118 8.21 10.23 -12.22
C THR B 118 7.15 10.90 -13.07
N VAL B 119 5.88 10.60 -12.79
CA VAL B 119 4.74 11.13 -13.53
C VAL B 119 4.16 12.30 -12.74
N VAL C 4 -10.14 32.14 5.32
CA VAL C 4 -8.80 31.63 5.63
C VAL C 4 -8.21 30.93 4.42
N GLN C 5 -7.00 31.34 4.04
CA GLN C 5 -6.28 30.70 2.94
C GLN C 5 -4.93 30.19 3.45
N LEU C 6 -4.51 29.03 2.95
CA LEU C 6 -3.30 28.34 3.40
C LEU C 6 -2.36 28.12 2.22
N VAL C 7 -1.05 28.35 2.42
CA VAL C 7 -0.05 28.09 1.39
C VAL C 7 1.11 27.33 2.02
N GLU C 8 1.34 26.09 1.58
CA GLU C 8 2.44 25.27 2.08
C GLU C 8 3.71 25.53 1.29
N SER C 9 4.83 25.42 1.99
CA SER C 9 6.17 25.52 1.46
C SER C 9 7.04 24.47 2.13
N GLY C 10 8.28 24.35 1.65
CA GLY C 10 9.28 23.58 2.33
C GLY C 10 9.58 22.24 1.71
N GLY C 11 8.77 21.78 0.77
CA GLY C 11 8.96 20.48 0.16
C GLY C 11 10.20 20.45 -0.71
N GLY C 12 10.45 19.28 -1.25
CA GLY C 12 11.60 19.07 -2.12
C GLY C 12 11.96 17.59 -2.15
N LEU C 13 13.16 17.31 -2.65
CA LEU C 13 13.68 15.97 -2.79
C LEU C 13 14.87 15.80 -1.87
N VAL C 14 14.87 14.74 -1.05
CA VAL C 14 15.98 14.43 -0.17
C VAL C 14 16.25 12.94 -0.26
N GLN C 15 17.44 12.55 0.17
CA GLN C 15 17.74 11.13 0.31
C GLN C 15 17.21 10.55 1.62
N ALA C 16 16.96 9.25 1.60
CA ALA C 16 16.54 8.54 2.79
C ALA C 16 17.48 8.85 3.94
N GLY C 17 16.88 9.06 5.11
CA GLY C 17 17.60 9.46 6.30
C GLY C 17 17.68 10.95 6.51
N GLY C 18 17.32 11.73 5.49
CA GLY C 18 17.37 13.16 5.58
C GLY C 18 16.18 13.73 6.34
N SER C 19 16.11 15.05 6.28
CA SER C 19 15.07 15.80 6.98
C SER C 19 14.58 16.94 6.10
N LEU C 20 13.37 17.39 6.38
CA LEU C 20 12.77 18.56 5.77
C LEU C 20 11.98 19.29 6.83
N ARG C 21 11.76 20.59 6.63
CA ARG C 21 10.88 21.37 7.48
C ARG C 21 9.84 22.02 6.59
N LEU C 22 8.61 21.53 6.66
CA LEU C 22 7.53 22.12 5.92
C LEU C 22 6.98 23.29 6.70
N SER C 23 6.37 24.23 5.99
CA SER C 23 5.69 25.32 6.65
C SER C 23 4.40 25.63 5.90
N CYS C 24 3.51 26.31 6.59
CA CYS C 24 2.28 26.76 5.95
C CYS C 24 1.88 28.06 6.58
N THR C 25 1.61 29.07 5.77
N THR C 25 1.67 29.07 5.75
CA THR C 25 1.17 30.36 6.29
CA THR C 25 1.16 30.35 6.25
C THR C 25 -0.30 30.58 5.98
C THR C 25 -0.34 30.40 6.03
N ALA C 26 -1.03 30.96 7.02
CA ALA C 26 -2.47 31.17 6.96
C ALA C 26 -2.73 32.66 6.86
N SER C 27 -3.66 33.03 6.00
CA SER C 27 -4.06 34.41 5.87
C SER C 27 -5.57 34.48 5.99
N GLY C 28 -6.09 35.68 6.21
CA GLY C 28 -7.53 35.86 6.33
C GLY C 28 -8.00 35.86 7.77
N ARG C 29 -9.13 35.20 8.04
CA ARG C 29 -9.75 35.20 9.37
C ARG C 29 -9.05 34.21 10.32
N THR C 30 -7.76 34.45 10.55
CA THR C 30 -7.00 33.46 11.30
C THR C 30 -7.43 33.37 12.76
N GLY C 31 -8.08 34.41 13.29
CA GLY C 31 -8.60 34.34 14.65
C GLY C 31 -9.66 33.28 14.82
N THR C 32 -10.26 32.77 13.74
CA THR C 32 -11.25 31.71 13.82
C THR C 32 -10.64 30.32 13.85
N ILE C 33 -9.33 30.19 13.71
CA ILE C 33 -8.69 28.87 13.65
C ILE C 33 -8.61 28.27 15.04
N TYR C 34 -9.13 27.04 15.21
CA TYR C 34 -8.96 26.30 16.45
C TYR C 34 -7.73 25.40 16.42
N SER C 35 -7.46 24.74 15.30
CA SER C 35 -6.31 23.86 15.18
C SER C 35 -5.90 23.79 13.71
N MET C 36 -4.66 23.34 13.50
CA MET C 36 -4.14 23.07 12.16
CA MET C 36 -4.09 23.10 12.18
C MET C 36 -3.56 21.68 12.16
N ALA C 37 -3.57 21.06 10.98
CA ALA C 37 -3.14 19.67 10.87
C ALA C 37 -2.48 19.43 9.52
N TRP C 38 -1.53 18.51 9.52
CA TRP C 38 -0.90 18.04 8.29
C TRP C 38 -1.41 16.66 7.91
N PHE C 39 -1.57 16.48 6.60
CA PHE C 39 -1.95 15.25 5.94
C PHE C 39 -0.95 14.98 4.82
N ARG C 40 -0.94 13.77 4.32
CA ARG C 40 -0.16 13.48 3.13
C ARG C 40 -0.94 12.54 2.22
N GLN C 41 -0.62 12.58 0.92
CA GLN C 41 -1.24 11.69 -0.05
C GLN C 41 -0.19 11.24 -1.07
N ALA C 42 0.08 9.96 -1.12
CA ALA C 42 0.97 9.38 -2.11
C ALA C 42 0.20 9.09 -3.38
N PRO C 43 0.89 8.93 -4.50
CA PRO C 43 0.22 8.91 -5.79
C PRO C 43 -0.80 7.78 -5.84
N GLY C 44 -2.00 8.13 -6.27
CA GLY C 44 -3.08 7.18 -6.39
C GLY C 44 -3.63 6.65 -5.09
N LYS C 45 -3.19 7.16 -3.94
CA LYS C 45 -3.61 6.63 -2.65
C LYS C 45 -4.50 7.63 -1.93
N GLU C 46 -4.92 7.24 -0.73
CA GLU C 46 -5.81 8.06 0.08
C GLU C 46 -5.02 9.01 0.95
N ARG C 47 -5.67 10.09 1.32
CA ARG C 47 -5.06 11.07 2.20
C ARG C 47 -4.97 10.55 3.65
N GLU C 48 -3.81 10.73 4.28
CA GLU C 48 -3.55 10.25 5.63
C GLU C 48 -3.36 11.44 6.57
N PHE C 49 -4.14 11.49 7.64
CA PHE C 49 -3.94 12.44 8.73
C PHE C 49 -2.67 12.06 9.49
N LEU C 50 -1.84 13.06 9.79
CA LEU C 50 -0.58 12.88 10.47
C LEU C 50 -0.51 13.46 11.88
N ALA C 51 -0.81 14.75 12.02
CA ALA C 51 -0.54 15.46 13.26
C ALA C 51 -1.35 16.73 13.29
N THR C 52 -1.60 17.22 14.50
CA THR C 52 -2.36 18.44 14.72
C THR C 52 -1.77 19.26 15.86
N VAL C 53 -1.97 20.56 15.76
CA VAL C 53 -1.55 21.51 16.79
C VAL C 53 -2.72 22.43 17.13
N GLY C 54 -2.94 22.64 18.42
CA GLY C 54 -3.92 23.61 18.86
C GLY C 54 -3.40 25.02 18.66
N TRP C 55 -4.21 25.85 18.02
CA TRP C 55 -3.75 27.17 17.62
C TRP C 55 -3.49 28.07 18.81
N SER C 56 -4.40 28.08 19.79
CA SER C 56 -4.21 28.97 20.94
C SER C 56 -3.12 28.47 21.89
N SER C 57 -3.06 27.17 22.19
CA SER C 57 -2.17 26.73 23.25
C SER C 57 -0.94 25.97 22.79
N GLY C 58 -0.92 25.49 21.55
CA GLY C 58 0.23 24.76 21.05
C GLY C 58 0.27 23.30 21.46
N ILE C 59 -0.80 22.77 22.07
CA ILE C 59 -0.85 21.35 22.37
C ILE C 59 -0.84 20.59 21.04
N THR C 60 -0.30 19.39 21.06
CA THR C 60 -0.10 18.62 19.84
C THR C 60 -0.56 17.18 20.01
N TYR C 61 -0.87 16.58 18.87
CA TYR C 61 -1.21 15.17 18.78
C TYR C 61 -0.62 14.61 17.50
N TYR C 62 -0.06 13.40 17.61
CA TYR C 62 0.57 12.72 16.48
C TYR C 62 -0.03 11.33 16.32
N MET C 63 -0.27 10.91 15.08
CA MET C 63 -0.50 9.51 14.83
C MET C 63 0.78 8.72 15.04
N ASP C 64 0.61 7.44 15.39
CA ASP C 64 1.76 6.59 15.69
C ASP C 64 2.71 6.49 14.51
N SER C 65 2.20 6.68 13.29
CA SER C 65 3.02 6.60 12.10
C SER C 65 4.19 7.56 12.14
N VAL C 66 4.04 8.72 12.79
CA VAL C 66 5.06 9.78 12.75
C VAL C 66 5.48 10.24 14.15
N LYS C 67 4.80 9.76 15.18
CA LYS C 67 5.09 10.23 16.54
C LYS C 67 6.52 9.84 16.89
N GLY C 68 7.29 10.81 17.37
CA GLY C 68 8.68 10.62 17.72
C GLY C 68 9.65 10.95 16.60
N ARG C 69 9.15 11.18 15.41
CA ARG C 69 9.94 11.48 14.22
C ARG C 69 9.60 12.82 13.60
N PHE C 70 8.34 13.21 13.62
CA PHE C 70 7.89 14.49 13.10
C PHE C 70 7.48 15.36 14.28
N THR C 71 7.67 16.67 14.15
CA THR C 71 7.23 17.63 15.16
C THR C 71 6.43 18.71 14.48
N ILE C 72 5.21 18.93 14.97
CA ILE C 72 4.36 20.01 14.50
C ILE C 72 4.43 21.14 15.52
N SER C 73 4.44 22.37 15.03
CA SER C 73 4.50 23.54 15.91
C SER C 73 3.94 24.72 15.14
N ARG C 74 3.76 25.84 15.83
CA ARG C 74 3.31 27.02 15.12
C ARG C 74 3.87 28.27 15.78
N ASP C 75 4.09 29.27 14.94
CA ASP C 75 4.42 30.63 15.37
C ASP C 75 3.14 31.42 15.17
N LYS C 76 2.39 31.62 16.25
CA LYS C 76 1.05 32.18 16.11
C LYS C 76 1.12 33.60 15.55
N GLY C 77 2.06 34.40 16.03
CA GLY C 77 2.14 35.80 15.59
C GLY C 77 2.47 35.92 14.11
N LYS C 78 3.16 34.93 13.54
CA LYS C 78 3.44 34.91 12.13
C LYS C 78 2.43 34.11 11.33
N ASN C 79 1.38 33.62 11.97
CA ASN C 79 0.35 32.84 11.29
C ASN C 79 0.93 31.69 10.49
N THR C 80 1.93 31.01 11.04
CA THR C 80 2.64 29.98 10.32
C THR C 80 2.74 28.70 11.15
N VAL C 81 2.46 27.57 10.52
CA VAL C 81 2.58 26.25 11.14
C VAL C 81 3.73 25.53 10.44
N TYR C 82 4.41 24.68 11.21
CA TYR C 82 5.59 23.98 10.74
C TYR C 82 5.43 22.49 10.96
N LEU C 83 6.08 21.69 10.10
CA LEU C 83 6.21 20.26 10.30
C LEU C 83 7.66 19.88 10.07
N GLN C 84 8.39 19.64 11.15
CA GLN C 84 9.76 19.15 11.08
C GLN C 84 9.70 17.65 10.88
N MET C 85 10.34 17.16 9.83
CA MET C 85 10.26 15.76 9.44
CA MET C 85 10.26 15.76 9.43
C MET C 85 11.67 15.18 9.46
N ASP C 86 11.95 14.36 10.46
CA ASP C 86 13.25 13.74 10.61
C ASP C 86 13.23 12.30 10.11
N SER C 87 14.43 11.79 9.85
CA SER C 87 14.62 10.39 9.53
C SER C 87 13.67 9.94 8.43
N LEU C 88 13.69 10.67 7.32
CA LEU C 88 12.75 10.41 6.25
C LEU C 88 13.06 9.09 5.55
N LYS C 89 12.00 8.40 5.14
CA LYS C 89 12.07 7.11 4.49
C LYS C 89 11.40 7.22 3.12
N PRO C 90 11.74 6.34 2.18
CA PRO C 90 11.10 6.42 0.86
C PRO C 90 9.59 6.46 0.92
N GLU C 91 8.97 5.66 1.82
CA GLU C 91 7.52 5.61 1.96
C GLU C 91 6.92 6.90 2.50
N ASP C 92 7.73 7.89 2.89
CA ASP C 92 7.24 9.22 3.23
C ASP C 92 7.00 10.09 1.99
N THR C 93 7.34 9.61 0.81
CA THR C 93 7.11 10.36 -0.43
C THR C 93 5.63 10.59 -0.65
N ALA C 94 5.23 11.85 -0.85
CA ALA C 94 3.82 12.20 -0.97
C ALA C 94 3.72 13.68 -1.19
N VAL C 95 2.52 14.13 -1.57
CA VAL C 95 2.16 15.54 -1.42
C VAL C 95 1.66 15.75 0.00
N TYR C 96 2.23 16.74 0.69
CA TYR C 96 1.85 17.07 2.05
C TYR C 96 0.96 18.30 2.04
N TYR C 97 -0.15 18.19 2.73
CA TYR C 97 -1.15 19.25 2.81
C TYR C 97 -1.29 19.74 4.23
N CYS C 98 -1.45 21.04 4.39
CA CYS C 98 -1.82 21.60 5.68
C CYS C 98 -3.29 22.00 5.62
N THR C 99 -3.93 21.95 6.78
CA THR C 99 -5.34 22.25 6.92
C THR C 99 -5.55 23.09 8.17
N ALA C 100 -6.71 23.74 8.20
CA ALA C 100 -7.16 24.45 9.39
C ALA C 100 -8.59 24.05 9.69
N THR C 101 -8.89 23.97 10.99
CA THR C 101 -10.23 23.67 11.47
C THR C 101 -10.70 24.89 12.25
N ARG C 102 -11.85 25.43 11.85
CA ARG C 102 -12.45 26.58 12.54
C ARG C 102 -13.01 26.20 13.90
N ALA C 103 -12.97 27.18 14.81
CA ALA C 103 -13.66 27.02 16.08
C ALA C 103 -15.12 26.70 15.80
N TYR C 104 -15.64 25.73 16.55
CA TYR C 104 -17.02 25.29 16.50
C TYR C 104 -17.35 24.51 15.24
N SER C 105 -16.37 24.16 14.43
CA SER C 105 -16.57 23.26 13.32
C SER C 105 -16.01 21.88 13.67
N VAL C 106 -15.99 20.99 12.69
CA VAL C 106 -15.36 19.68 12.82
C VAL C 106 -14.72 19.36 11.50
N GLY C 107 -13.77 18.43 11.53
CA GLY C 107 -13.14 18.07 10.29
C GLY C 107 -12.15 19.15 9.86
N TYR C 108 -12.04 19.31 8.55
CA TYR C 108 -10.92 20.03 7.94
C TYR C 108 -11.49 21.06 6.97
N ASP C 109 -11.70 22.28 7.49
CA ASP C 109 -12.45 23.32 6.79
C ASP C 109 -11.67 23.92 5.64
N TYR C 110 -10.36 24.14 5.82
CA TYR C 110 -9.54 24.82 4.85
C TYR C 110 -8.33 23.93 4.54
N TRP C 111 -7.95 23.87 3.26
CA TRP C 111 -6.85 23.06 2.76
C TRP C 111 -5.94 23.93 1.90
N GLY C 112 -4.62 23.72 2.00
CA GLY C 112 -3.70 24.28 1.05
C GLY C 112 -3.64 23.43 -0.20
N GLN C 113 -2.84 23.89 -1.16
CA GLN C 113 -2.64 23.14 -2.40
C GLN C 113 -1.58 22.07 -2.30
N GLY C 114 -0.84 22.04 -1.22
CA GLY C 114 0.13 20.99 -1.00
C GLY C 114 1.55 21.39 -1.37
N THR C 115 2.51 20.62 -0.86
CA THR C 115 3.91 20.72 -1.23
C THR C 115 4.44 19.31 -1.42
N GLN C 116 5.15 19.09 -2.52
CA GLN C 116 5.69 17.78 -2.83
C GLN C 116 6.88 17.45 -1.96
N VAL C 117 6.92 16.21 -1.46
CA VAL C 117 8.04 15.66 -0.70
C VAL C 117 8.43 14.37 -1.39
N THR C 118 9.68 14.27 -1.82
CA THR C 118 10.21 13.09 -2.48
C THR C 118 11.39 12.60 -1.66
N VAL C 119 11.37 11.33 -1.29
CA VAL C 119 12.45 10.72 -0.54
C VAL C 119 12.96 9.56 -1.38
N SER C 120 14.18 9.66 -1.83
CA SER C 120 14.75 8.63 -2.67
C SER C 120 15.75 7.80 -1.90
N VAL D 4 -13.40 8.74 29.97
CA VAL D 4 -14.37 8.30 28.97
C VAL D 4 -14.01 6.92 28.45
N GLN D 5 -15.01 6.04 28.35
CA GLN D 5 -14.81 4.70 27.81
C GLN D 5 -15.73 4.50 26.60
N LEU D 6 -15.19 3.84 25.57
CA LEU D 6 -15.89 3.63 24.31
C LEU D 6 -16.00 2.14 24.04
N VAL D 7 -17.21 1.68 23.72
N VAL D 7 -17.21 1.67 23.75
CA VAL D 7 -17.48 0.29 23.40
CA VAL D 7 -17.47 0.28 23.39
C VAL D 7 -18.10 0.24 22.00
C VAL D 7 -18.10 0.25 22.00
N GLU D 8 -17.43 -0.43 21.08
CA GLU D 8 -17.90 -0.52 19.70
C GLU D 8 -18.70 -1.79 19.47
N SER D 9 -19.71 -1.66 18.62
CA SER D 9 -20.52 -2.78 18.15
C SER D 9 -20.62 -2.70 16.63
N GLY D 10 -21.02 -3.81 16.04
CA GLY D 10 -21.20 -3.91 14.62
C GLY D 10 -20.00 -4.58 13.97
N GLY D 11 -20.14 -4.79 12.68
CA GLY D 11 -19.02 -5.28 11.90
C GLY D 11 -19.23 -6.71 11.46
N GLY D 12 -18.14 -7.43 11.28
CA GLY D 12 -18.18 -8.81 10.84
C GLY D 12 -18.08 -8.92 9.33
N LEU D 13 -18.52 -10.08 8.85
CA LEU D 13 -18.39 -10.42 7.44
C LEU D 13 -19.53 -9.82 6.64
N VAL D 14 -19.19 -9.28 5.48
CA VAL D 14 -20.16 -8.81 4.51
C VAL D 14 -19.59 -9.06 3.10
N GLN D 15 -20.46 -9.31 2.13
CA GLN D 15 -19.99 -9.47 0.76
C GLN D 15 -19.78 -8.10 0.12
N ALA D 16 -18.83 -8.02 -0.84
CA ALA D 16 -18.62 -6.78 -1.60
C ALA D 16 -19.94 -6.31 -2.15
N GLY D 17 -20.21 -5.02 -1.99
CA GLY D 17 -21.49 -4.46 -2.36
C GLY D 17 -22.47 -4.38 -1.22
N GLY D 18 -22.14 -4.95 -0.07
CA GLY D 18 -23.04 -4.97 1.05
C GLY D 18 -22.93 -3.75 1.96
N SER D 19 -23.67 -3.82 3.07
CA SER D 19 -23.77 -2.73 4.04
C SER D 19 -23.70 -3.29 5.46
N LEU D 20 -23.19 -2.45 6.37
CA LEU D 20 -23.05 -2.74 7.79
C LEU D 20 -23.29 -1.44 8.53
N ARG D 21 -23.75 -1.50 9.78
CA ARG D 21 -23.82 -0.31 10.63
C ARG D 21 -22.98 -0.53 11.87
N LEU D 22 -21.96 0.30 12.08
CA LEU D 22 -21.20 0.27 13.31
C LEU D 22 -21.78 1.26 14.30
N SER D 23 -21.54 0.99 15.58
CA SER D 23 -21.94 1.93 16.60
C SER D 23 -20.90 1.94 17.71
N CYS D 24 -20.95 2.99 18.50
CA CYS D 24 -20.06 3.07 19.65
C CYS D 24 -20.76 3.86 20.73
N THR D 25 -20.79 3.31 21.93
CA THR D 25 -21.35 4.02 23.07
C THR D 25 -20.24 4.50 24.00
N ALA D 26 -20.35 5.75 24.42
CA ALA D 26 -19.42 6.35 25.34
C ALA D 26 -20.02 6.35 26.74
N SER D 27 -19.16 6.14 27.72
CA SER D 27 -19.56 6.19 29.11
C SER D 27 -18.53 7.00 29.85
N GLY D 28 -18.92 7.46 31.04
CA GLY D 28 -18.06 8.30 31.86
C GLY D 28 -18.39 9.77 31.67
N ARG D 29 -17.35 10.59 31.51
CA ARG D 29 -17.52 12.05 31.40
C ARG D 29 -17.92 12.45 29.98
N THR D 30 -19.11 12.00 29.58
CA THR D 30 -19.57 12.22 28.21
C THR D 30 -19.86 13.69 27.93
N GLY D 31 -20.15 14.48 28.96
CA GLY D 31 -20.38 15.90 28.79
C GLY D 31 -19.17 16.67 28.29
N THR D 32 -17.98 16.07 28.36
CA THR D 32 -16.74 16.68 27.93
C THR D 32 -16.41 16.40 26.48
N ILE D 33 -17.22 15.60 25.80
CA ILE D 33 -16.92 15.20 24.42
C ILE D 33 -17.26 16.34 23.48
N TYR D 34 -16.28 16.78 22.69
CA TYR D 34 -16.54 17.76 21.65
C TYR D 34 -16.93 17.11 20.32
N SER D 35 -16.28 16.01 19.95
CA SER D 35 -16.58 15.34 18.69
C SER D 35 -16.18 13.88 18.81
N MET D 36 -16.71 13.07 17.90
CA MET D 36 -16.30 11.67 17.78
C MET D 36 -15.96 11.39 16.33
N ALA D 37 -15.09 10.40 16.12
CA ALA D 37 -14.59 10.11 14.80
C ALA D 37 -14.28 8.62 14.65
N TRP D 38 -14.39 8.14 13.43
CA TRP D 38 -14.01 6.78 13.08
C TRP D 38 -12.71 6.78 12.28
N PHE D 39 -11.87 5.80 12.61
CA PHE D 39 -10.63 5.45 11.93
C PHE D 39 -10.71 4.00 11.50
N ARG D 40 -9.76 3.60 10.64
CA ARG D 40 -9.60 2.17 10.37
C ARG D 40 -8.13 1.87 10.14
N GLN D 41 -7.78 0.59 10.29
CA GLN D 41 -6.43 0.14 10.04
C GLN D 41 -6.50 -1.18 9.30
N ALA D 42 -6.09 -1.19 8.06
CA ALA D 42 -6.00 -2.40 7.26
C ALA D 42 -4.63 -3.03 7.48
N PRO D 43 -4.47 -4.31 7.16
CA PRO D 43 -3.14 -4.92 7.28
C PRO D 43 -2.13 -4.25 6.36
N GLY D 44 -0.95 -3.94 6.90
CA GLY D 44 0.08 -3.34 6.08
C GLY D 44 -0.14 -1.88 5.74
N LYS D 45 -1.06 -1.20 6.43
CA LYS D 45 -1.33 0.21 6.17
C LYS D 45 -1.28 1.01 7.47
N GLU D 46 -1.07 2.31 7.30
CA GLU D 46 -1.18 3.22 8.45
C GLU D 46 -2.66 3.41 8.81
N ARG D 47 -2.89 3.73 10.08
CA ARG D 47 -4.24 4.02 10.53
C ARG D 47 -4.78 5.27 9.83
N GLU D 48 -6.04 5.19 9.39
CA GLU D 48 -6.64 6.19 8.50
C GLU D 48 -7.84 6.83 9.18
N PHE D 49 -7.83 8.15 9.30
CA PHE D 49 -9.00 8.91 9.71
C PHE D 49 -10.03 8.88 8.59
N LEU D 50 -11.31 8.69 8.96
CA LEU D 50 -12.41 8.59 8.00
C LEU D 50 -13.45 9.68 8.09
N ALA D 51 -14.02 9.92 9.27
CA ALA D 51 -15.17 10.80 9.39
C ALA D 51 -15.33 11.23 10.83
N THR D 52 -15.96 12.40 11.02
CA THR D 52 -16.16 12.98 12.33
C THR D 52 -17.53 13.64 12.41
N VAL D 53 -18.06 13.67 13.63
CA VAL D 53 -19.31 14.35 13.94
C VAL D 53 -19.13 15.20 15.17
N GLY D 54 -19.66 16.42 15.10
CA GLY D 54 -19.65 17.31 16.26
C GLY D 54 -20.72 16.89 17.24
N TRP D 55 -20.34 16.81 18.52
CA TRP D 55 -21.26 16.25 19.51
C TRP D 55 -22.45 17.19 19.76
N SER D 56 -22.16 18.48 19.91
CA SER D 56 -23.24 19.42 20.21
C SER D 56 -24.17 19.60 19.02
N SER D 57 -23.60 19.81 17.84
CA SER D 57 -24.34 20.26 16.65
C SER D 57 -24.72 19.14 15.71
N GLY D 58 -23.98 18.05 15.71
CA GLY D 58 -24.19 17.03 14.70
C GLY D 58 -23.62 17.37 13.35
N ILE D 59 -22.84 18.44 13.22
CA ILE D 59 -22.17 18.68 11.94
C ILE D 59 -21.20 17.54 11.66
N THR D 60 -20.96 17.26 10.37
CA THR D 60 -20.15 16.12 9.95
C THR D 60 -19.09 16.53 8.94
N TYR D 61 -18.08 15.68 8.82
CA TYR D 61 -17.03 15.82 7.82
C TYR D 61 -16.55 14.43 7.43
N TYR D 62 -16.33 14.21 6.13
CA TYR D 62 -15.91 12.93 5.59
C TYR D 62 -14.68 13.09 4.72
N MET D 63 -13.72 12.18 4.86
CA MET D 63 -12.63 12.09 3.89
C MET D 63 -13.16 11.51 2.59
N ASP D 64 -12.45 11.80 1.50
CA ASP D 64 -12.90 11.37 0.18
C ASP D 64 -13.01 9.85 0.08
N SER D 65 -12.21 9.12 0.84
CA SER D 65 -12.24 7.67 0.75
C SER D 65 -13.61 7.10 1.09
N VAL D 66 -14.42 7.80 1.90
CA VAL D 66 -15.72 7.29 2.34
C VAL D 66 -16.88 8.24 2.06
N LYS D 67 -16.59 9.45 1.62
CA LYS D 67 -17.64 10.44 1.38
C LYS D 67 -18.60 9.91 0.31
N GLY D 68 -19.89 10.00 0.59
CA GLY D 68 -20.91 9.44 -0.30
C GLY D 68 -21.23 7.97 -0.11
N ARG D 69 -20.48 7.26 0.74
CA ARG D 69 -20.67 5.85 1.00
C ARG D 69 -21.00 5.59 2.45
N PHE D 70 -20.33 6.27 3.37
CA PHE D 70 -20.54 6.08 4.79
C PHE D 70 -21.23 7.32 5.36
N THR D 71 -22.05 7.12 6.39
CA THR D 71 -22.75 8.23 7.04
C THR D 71 -22.51 8.13 8.53
N ILE D 72 -21.98 9.20 9.12
CA ILE D 72 -21.75 9.27 10.55
C ILE D 72 -22.87 10.11 11.19
N SER D 73 -23.35 9.69 12.35
CA SER D 73 -24.41 10.41 13.05
C SER D 73 -24.28 10.08 14.53
N ARG D 74 -25.01 10.80 15.37
CA ARG D 74 -24.97 10.48 16.79
C ARG D 74 -26.31 10.74 17.45
N ASP D 75 -26.57 10.00 18.52
CA ASP D 75 -27.73 10.17 19.39
C ASP D 75 -27.16 10.64 20.72
N LYS D 76 -27.29 11.94 20.98
CA LYS D 76 -26.61 12.51 22.14
C LYS D 76 -27.15 11.93 23.43
N GLY D 77 -28.47 11.76 23.50
CA GLY D 77 -29.09 11.26 24.72
C GLY D 77 -28.67 9.84 25.06
N LYS D 78 -28.37 9.03 24.04
CA LYS D 78 -27.92 7.67 24.24
C LYS D 78 -26.40 7.55 24.28
N ASN D 79 -25.69 8.67 24.20
CA ASN D 79 -24.23 8.68 24.18
C ASN D 79 -23.65 7.74 23.13
N THR D 80 -24.29 7.68 21.95
CA THR D 80 -23.93 6.70 20.93
C THR D 80 -23.69 7.37 19.59
N VAL D 81 -22.61 6.99 18.92
CA VAL D 81 -22.30 7.42 17.56
C VAL D 81 -22.44 6.21 16.64
N TYR D 82 -22.80 6.47 15.39
CA TYR D 82 -23.09 5.46 14.40
C TYR D 82 -22.27 5.72 13.15
N LEU D 83 -21.87 4.65 12.48
CA LEU D 83 -21.29 4.73 11.14
C LEU D 83 -22.04 3.74 10.26
N GLN D 84 -22.94 4.26 9.43
CA GLN D 84 -23.62 3.46 8.43
C GLN D 84 -22.67 3.29 7.26
N MET D 85 -22.33 2.06 6.93
CA MET D 85 -21.34 1.76 5.89
C MET D 85 -22.05 1.06 4.73
N ASP D 86 -22.29 1.80 3.67
CA ASP D 86 -22.85 1.26 2.46
C ASP D 86 -21.73 1.14 1.43
N SER D 87 -22.02 0.42 0.36
CA SER D 87 -21.13 0.42 -0.80
C SER D 87 -19.76 -0.18 -0.46
N LEU D 88 -19.75 -1.24 0.33
CA LEU D 88 -18.52 -1.78 0.86
C LEU D 88 -17.76 -2.55 -0.22
N LYS D 89 -16.46 -2.37 -0.23
CA LYS D 89 -15.62 -3.12 -1.16
C LYS D 89 -14.50 -3.79 -0.40
N PRO D 90 -13.82 -4.75 -1.04
CA PRO D 90 -12.82 -5.52 -0.31
C PRO D 90 -11.81 -4.65 0.40
N GLU D 91 -11.38 -3.54 -0.20
CA GLU D 91 -10.35 -2.70 0.41
C GLU D 91 -10.86 -1.91 1.60
N ASP D 92 -12.14 -2.03 1.94
CA ASP D 92 -12.67 -1.50 3.17
C ASP D 92 -12.43 -2.46 4.33
N THR D 93 -11.91 -3.66 4.06
CA THR D 93 -11.60 -4.59 5.13
C THR D 93 -10.53 -4.00 6.03
N ALA D 94 -10.80 -3.98 7.33
CA ALA D 94 -9.91 -3.33 8.27
C ALA D 94 -10.51 -3.49 9.66
N VAL D 95 -9.69 -3.18 10.65
CA VAL D 95 -10.19 -2.99 12.01
C VAL D 95 -10.62 -1.53 12.10
N TYR D 96 -11.88 -1.30 12.48
CA TYR D 96 -12.45 0.04 12.62
C TYR D 96 -12.45 0.45 14.07
N TYR D 97 -12.01 1.68 14.33
CA TYR D 97 -11.86 2.23 15.68
C TYR D 97 -12.70 3.49 15.80
N CYS D 98 -13.47 3.59 16.87
CA CYS D 98 -14.10 4.84 17.20
C CYS D 98 -13.25 5.61 18.20
N THR D 99 -13.35 6.93 18.14
CA THR D 99 -12.59 7.82 19.01
C THR D 99 -13.49 8.93 19.49
N ALA D 100 -13.07 9.56 20.59
CA ALA D 100 -13.68 10.79 21.07
C ALA D 100 -12.59 11.80 21.36
N THR D 101 -12.92 13.06 21.12
CA THR D 101 -12.04 14.18 21.39
C THR D 101 -12.69 15.06 22.43
N ARG D 102 -11.96 15.33 23.50
CA ARG D 102 -12.43 16.17 24.59
C ARG D 102 -12.41 17.63 24.20
N ALA D 103 -13.34 18.40 24.76
CA ALA D 103 -13.33 19.84 24.55
C ALA D 103 -12.01 20.42 25.01
N TYR D 104 -11.47 21.32 24.19
CA TYR D 104 -10.21 22.02 24.41
C TYR D 104 -8.99 21.13 24.29
N SER D 105 -9.14 19.92 23.79
CA SER D 105 -8.01 19.09 23.40
C SER D 105 -7.81 19.19 21.89
N VAL D 106 -6.87 18.42 21.38
CA VAL D 106 -6.65 18.27 19.94
C VAL D 106 -6.37 16.81 19.69
N GLY D 107 -6.61 16.38 18.46
CA GLY D 107 -6.37 14.99 18.13
C GLY D 107 -7.45 14.10 18.70
N TYR D 108 -7.05 12.92 19.19
CA TYR D 108 -7.96 11.82 19.45
C TYR D 108 -7.62 11.23 20.82
N ASP D 109 -8.36 11.72 21.84
CA ASP D 109 -8.04 11.44 23.24
C ASP D 109 -8.35 10.02 23.65
N TYR D 110 -9.52 9.51 23.24
CA TYR D 110 -10.05 8.23 23.69
C TYR D 110 -10.30 7.34 22.50
N TRP D 111 -9.88 6.07 22.61
CA TRP D 111 -9.97 5.10 21.53
C TRP D 111 -10.70 3.86 22.01
N GLY D 112 -11.59 3.34 21.15
CA GLY D 112 -12.17 2.03 21.36
C GLY D 112 -11.15 0.94 21.05
N GLN D 113 -11.59 -0.29 21.29
CA GLN D 113 -10.72 -1.45 21.11
C GLN D 113 -10.69 -1.94 19.67
N GLY D 114 -11.59 -1.50 18.84
CA GLY D 114 -11.59 -1.89 17.45
C GLY D 114 -12.62 -2.98 17.16
N THR D 115 -13.18 -2.93 15.97
CA THR D 115 -14.10 -3.96 15.52
C THR D 115 -13.75 -4.35 14.08
N GLN D 116 -13.64 -5.65 13.83
CA GLN D 116 -13.24 -6.13 12.52
C GLN D 116 -14.40 -5.99 11.55
N VAL D 117 -14.11 -5.46 10.37
CA VAL D 117 -14.99 -5.50 9.21
C VAL D 117 -14.27 -6.24 8.10
N THR D 118 -14.89 -7.28 7.56
CA THR D 118 -14.28 -8.07 6.51
C THR D 118 -15.25 -8.09 5.35
N VAL D 119 -14.79 -7.59 4.22
CA VAL D 119 -15.58 -7.50 3.01
C VAL D 119 -14.93 -8.47 2.05
N SER D 120 -15.67 -9.51 1.69
CA SER D 120 -15.14 -10.55 0.82
C SER D 120 -15.82 -10.48 -0.54
N SER D 121 -15.11 -10.93 -1.57
CA SER D 121 -15.68 -10.98 -2.92
C SER D 121 -16.83 -11.98 -2.96
N GLY E 1 -44.72 5.28 -21.06
CA GLY E 1 -43.85 4.45 -21.93
C GLY E 1 -42.59 3.98 -21.22
N SER E 2 -41.57 4.83 -21.21
CA SER E 2 -40.31 4.49 -20.55
C SER E 2 -40.53 4.26 -19.07
N GLN E 3 -39.98 3.17 -18.56
CA GLN E 3 -40.28 2.77 -17.20
C GLN E 3 -39.38 3.44 -16.16
N VAL E 4 -38.28 4.05 -16.56
CA VAL E 4 -37.40 4.80 -15.67
C VAL E 4 -37.15 6.13 -16.32
N GLN E 5 -37.13 7.20 -15.52
CA GLN E 5 -36.80 8.55 -15.97
C GLN E 5 -35.65 9.10 -15.14
N LEU E 6 -34.72 9.80 -15.79
CA LEU E 6 -33.53 10.35 -15.17
C LEU E 6 -33.48 11.85 -15.41
N VAL E 7 -33.19 12.63 -14.36
CA VAL E 7 -33.07 14.08 -14.48
C VAL E 7 -31.82 14.55 -13.74
N GLU E 8 -30.86 15.12 -14.48
CA GLU E 8 -29.63 15.61 -13.90
C GLU E 8 -29.75 17.07 -13.47
N SER E 9 -28.95 17.43 -12.46
CA SER E 9 -28.82 18.79 -11.98
C SER E 9 -27.40 18.97 -11.45
N GLY E 10 -27.07 20.20 -11.10
CA GLY E 10 -25.81 20.50 -10.44
C GLY E 10 -24.73 21.10 -11.33
N GLY E 11 -24.95 21.13 -12.64
CA GLY E 11 -23.99 21.76 -13.54
C GLY E 11 -23.87 23.24 -13.26
N GLY E 12 -22.85 23.84 -13.88
CA GLY E 12 -22.69 25.26 -13.85
C GLY E 12 -21.25 25.61 -14.21
N LEU E 13 -20.96 26.88 -14.09
CA LEU E 13 -19.65 27.44 -14.34
C LEU E 13 -18.79 27.35 -13.09
N VAL E 14 -17.53 26.93 -13.26
CA VAL E 14 -16.59 26.83 -12.15
C VAL E 14 -15.23 27.22 -12.65
N GLN E 15 -14.41 27.78 -11.76
CA GLN E 15 -13.04 28.11 -12.09
C GLN E 15 -12.20 26.86 -12.06
N ALA E 16 -11.23 26.78 -12.97
CA ALA E 16 -10.30 25.66 -12.95
C ALA E 16 -9.69 25.49 -11.56
N GLY E 17 -9.59 24.24 -11.13
CA GLY E 17 -9.20 23.88 -9.78
C GLY E 17 -10.35 23.70 -8.80
N GLY E 18 -11.53 24.17 -9.17
CA GLY E 18 -12.68 24.09 -8.30
C GLY E 18 -13.38 22.74 -8.36
N SER E 19 -14.54 22.70 -7.72
CA SER E 19 -15.34 21.51 -7.56
C SER E 19 -16.79 21.79 -7.91
N LEU E 20 -17.48 20.74 -8.32
CA LEU E 20 -18.91 20.75 -8.53
C LEU E 20 -19.43 19.38 -8.13
N ARG E 21 -20.70 19.30 -7.75
CA ARG E 21 -21.36 18.02 -7.50
C ARG E 21 -22.58 17.92 -8.39
N LEU E 22 -22.56 16.99 -9.31
CA LEU E 22 -23.73 16.70 -10.12
C LEU E 22 -24.60 15.69 -9.39
N SER E 23 -25.90 15.77 -9.66
CA SER E 23 -26.86 14.82 -9.15
C SER E 23 -27.77 14.37 -10.28
N CYS E 24 -28.38 13.20 -10.10
CA CYS E 24 -29.38 12.71 -11.03
C CYS E 24 -30.42 11.97 -10.22
N THR E 25 -31.67 12.39 -10.35
N THR E 25 -31.67 12.40 -10.36
CA THR E 25 -32.77 11.70 -9.71
CA THR E 25 -32.79 11.71 -9.72
C THR E 25 -33.42 10.72 -10.67
C THR E 25 -33.38 10.71 -10.69
N ALA E 26 -33.60 9.50 -10.19
CA ALA E 26 -34.24 8.43 -10.94
C ALA E 26 -35.65 8.24 -10.43
N SER E 27 -36.59 8.08 -11.33
CA SER E 27 -37.96 7.78 -10.96
C SER E 27 -38.47 6.62 -11.79
N GLY E 28 -39.55 6.00 -11.31
CA GLY E 28 -40.14 4.86 -11.98
C GLY E 28 -39.67 3.55 -11.40
N ARG E 29 -39.39 2.60 -12.27
CA ARG E 29 -39.11 1.22 -11.83
C ARG E 29 -37.64 1.07 -11.47
N THR E 30 -37.24 1.78 -10.41
CA THR E 30 -35.82 1.84 -10.06
C THR E 30 -35.27 0.51 -9.55
N GLY E 31 -36.12 -0.36 -9.03
CA GLY E 31 -35.66 -1.68 -8.60
C GLY E 31 -35.28 -2.61 -9.74
N THR E 32 -35.55 -2.22 -10.98
CA THR E 32 -35.10 -2.98 -12.13
C THR E 32 -33.72 -2.57 -12.59
N ILE E 33 -33.10 -1.60 -11.94
CA ILE E 33 -31.83 -1.05 -12.36
C ILE E 33 -30.68 -1.77 -11.67
N TYR E 34 -29.71 -2.21 -12.47
CA TYR E 34 -28.50 -2.84 -11.95
C TYR E 34 -27.39 -1.83 -11.66
N SER E 35 -27.18 -0.86 -12.54
CA SER E 35 -26.09 0.08 -12.38
C SER E 35 -26.45 1.41 -13.05
N MET E 36 -25.75 2.45 -12.62
CA MET E 36 -25.89 3.78 -13.18
C MET E 36 -24.51 4.25 -13.63
N ALA E 37 -24.46 5.11 -14.64
CA ALA E 37 -23.16 5.59 -15.12
C ALA E 37 -23.26 7.02 -15.60
N TRP E 38 -22.15 7.74 -15.47
CA TRP E 38 -22.03 9.08 -16.03
C TRP E 38 -21.18 9.06 -17.29
N PHE E 39 -21.62 9.85 -18.26
CA PHE E 39 -20.93 10.12 -19.51
C PHE E 39 -20.78 11.63 -19.64
N ARG E 40 -19.94 12.06 -20.58
CA ARG E 40 -19.91 13.46 -20.94
C ARG E 40 -19.68 13.59 -22.43
N GLN E 41 -20.02 14.74 -22.97
CA GLN E 41 -19.71 15.03 -24.36
C GLN E 41 -19.20 16.45 -24.43
N ALA E 42 -17.90 16.58 -24.69
CA ALA E 42 -17.14 17.82 -24.70
C ALA E 42 -17.14 18.41 -26.09
N PRO E 43 -16.94 19.73 -26.21
CA PRO E 43 -16.91 20.38 -27.52
C PRO E 43 -15.97 19.67 -28.48
N GLY E 44 -16.52 19.22 -29.61
CA GLY E 44 -15.71 18.60 -30.64
C GLY E 44 -15.23 17.18 -30.36
N LYS E 45 -15.70 16.54 -29.29
CA LYS E 45 -15.27 15.20 -28.91
C LYS E 45 -16.43 14.22 -28.93
N GLU E 46 -16.08 12.94 -29.02
CA GLU E 46 -17.09 11.90 -28.92
C GLU E 46 -17.59 11.78 -27.49
N ARG E 47 -18.84 11.33 -27.34
CA ARG E 47 -19.39 11.08 -26.01
C ARG E 47 -18.60 10.00 -25.33
N GLU E 48 -18.24 10.24 -24.09
CA GLU E 48 -17.27 9.45 -23.36
C GLU E 48 -17.90 8.87 -22.08
N PHE E 49 -17.87 7.55 -21.93
CA PHE E 49 -18.12 6.91 -20.64
C PHE E 49 -17.07 7.34 -19.65
N LEU E 50 -17.52 7.68 -18.42
CA LEU E 50 -16.62 8.12 -17.35
C LEU E 50 -16.56 7.18 -16.15
N ALA E 51 -17.70 6.78 -15.60
CA ALA E 51 -17.72 6.06 -14.34
C ALA E 51 -19.06 5.39 -14.17
N THR E 52 -19.05 4.28 -13.42
CA THR E 52 -20.27 3.53 -13.13
C THR E 52 -20.32 3.17 -11.66
N VAL E 53 -21.54 3.03 -11.14
CA VAL E 53 -21.80 2.59 -9.77
C VAL E 53 -22.90 1.53 -9.79
N GLY E 54 -22.70 0.45 -9.05
CA GLY E 54 -23.77 -0.51 -8.88
C GLY E 54 -24.92 0.13 -8.10
N TRP E 55 -26.15 -0.06 -8.60
CA TRP E 55 -27.27 0.64 -7.99
C TRP E 55 -27.58 0.13 -6.60
N SER E 56 -27.49 -1.18 -6.40
CA SER E 56 -27.66 -1.76 -5.08
C SER E 56 -26.33 -2.03 -4.40
N SER E 57 -25.26 -2.19 -5.13
CA SER E 57 -24.00 -2.57 -4.53
C SER E 57 -23.12 -1.38 -4.19
N GLY E 58 -23.25 -0.27 -4.90
CA GLY E 58 -22.34 0.84 -4.72
C GLY E 58 -20.91 0.59 -5.13
N ILE E 59 -20.61 -0.52 -5.82
CA ILE E 59 -19.28 -0.77 -6.34
C ILE E 59 -19.08 0.14 -7.53
N THR E 60 -17.86 0.64 -7.70
CA THR E 60 -17.56 1.66 -8.67
C THR E 60 -16.45 1.25 -9.63
N TYR E 61 -16.44 1.90 -10.78
CA TYR E 61 -15.33 1.81 -11.74
C TYR E 61 -15.20 3.15 -12.43
N TYR E 62 -13.97 3.61 -12.62
CA TYR E 62 -13.67 4.88 -13.26
C TYR E 62 -12.69 4.70 -14.39
N MET E 63 -12.91 5.46 -15.47
CA MET E 63 -11.89 5.61 -16.48
C MET E 63 -10.76 6.50 -15.95
N ASP E 64 -9.58 6.30 -16.51
CA ASP E 64 -8.42 7.08 -16.06
C ASP E 64 -8.56 8.57 -16.29
N SER E 65 -9.41 8.99 -17.23
CA SER E 65 -9.64 10.41 -17.47
C SER E 65 -10.17 11.13 -16.23
N VAL E 66 -10.84 10.43 -15.32
CA VAL E 66 -11.45 11.05 -14.15
C VAL E 66 -11.05 10.39 -12.84
N LYS E 67 -10.43 9.21 -12.89
CA LYS E 67 -10.08 8.53 -11.67
C LYS E 67 -9.11 9.38 -10.87
N GLY E 68 -9.34 9.43 -9.55
CA GLY E 68 -8.54 10.27 -8.66
C GLY E 68 -9.03 11.69 -8.53
N ARG E 69 -10.00 12.11 -9.34
CA ARG E 69 -10.58 13.44 -9.28
C ARG E 69 -12.07 13.42 -9.04
N PHE E 70 -12.78 12.51 -9.67
CA PHE E 70 -14.22 12.43 -9.54
C PHE E 70 -14.59 11.22 -8.69
N THR E 71 -15.73 11.33 -7.99
CA THR E 71 -16.29 10.23 -7.20
C THR E 71 -17.76 10.04 -7.57
N ILE E 72 -18.11 8.86 -8.00
CA ILE E 72 -19.50 8.50 -8.27
C ILE E 72 -20.06 7.79 -7.06
N SER E 73 -21.29 8.11 -6.72
CA SER E 73 -21.91 7.48 -5.55
C SER E 73 -23.41 7.50 -5.77
N ARG E 74 -24.12 6.83 -4.89
CA ARG E 74 -25.57 6.80 -4.99
C ARG E 74 -26.15 6.83 -3.59
N ASP E 75 -27.35 7.40 -3.49
CA ASP E 75 -28.19 7.36 -2.30
C ASP E 75 -29.51 6.70 -2.69
N LYS E 76 -29.57 5.40 -2.42
CA LYS E 76 -30.71 4.60 -2.84
C LYS E 76 -32.00 5.15 -2.29
N GLY E 77 -32.00 5.56 -1.01
CA GLY E 77 -33.22 6.00 -0.39
C GLY E 77 -33.78 7.26 -1.01
N LYS E 78 -32.91 8.07 -1.61
CA LYS E 78 -33.33 9.29 -2.25
C LYS E 78 -33.42 9.12 -3.77
N ASN E 79 -33.23 7.91 -4.27
CA ASN E 79 -33.28 7.65 -5.72
C ASN E 79 -32.37 8.58 -6.48
N THR E 80 -31.19 8.85 -5.93
CA THR E 80 -30.27 9.82 -6.51
C THR E 80 -28.88 9.22 -6.71
N VAL E 81 -28.27 9.59 -7.84
CA VAL E 81 -26.89 9.30 -8.20
C VAL E 81 -26.13 10.62 -8.19
N TYR E 82 -24.87 10.60 -7.74
CA TYR E 82 -24.03 11.77 -7.68
C TYR E 82 -22.73 11.58 -8.44
N LEU E 83 -22.21 12.68 -8.97
CA LEU E 83 -20.84 12.76 -9.48
C LEU E 83 -20.17 13.96 -8.81
N GLN E 84 -19.34 13.68 -7.81
CA GLN E 84 -18.53 14.70 -7.18
C GLN E 84 -17.31 14.94 -8.06
N MET E 85 -17.10 16.18 -8.49
CA MET E 85 -16.05 16.52 -9.44
CA MET E 85 -16.04 16.51 -9.44
C MET E 85 -15.10 17.50 -8.77
N ASP E 86 -13.93 17.03 -8.40
CA ASP E 86 -12.92 17.85 -7.77
C ASP E 86 -11.78 18.06 -8.76
N SER E 87 -10.93 19.06 -8.49
CA SER E 87 -9.76 19.33 -9.29
C SER E 87 -10.14 19.47 -10.77
N LEU E 88 -11.17 20.27 -11.00
CA LEU E 88 -11.65 20.45 -12.37
C LEU E 88 -10.63 21.18 -13.25
N LYS E 89 -10.62 20.81 -14.51
CA LYS E 89 -9.74 21.37 -15.52
C LYS E 89 -10.58 21.86 -16.70
N PRO E 90 -10.05 22.81 -17.49
CA PRO E 90 -10.81 23.28 -18.65
C PRO E 90 -11.35 22.16 -19.53
N GLU E 91 -10.56 21.12 -19.73
CA GLU E 91 -10.94 20.00 -20.57
C GLU E 91 -12.16 19.24 -20.04
N ASP E 92 -12.56 19.46 -18.79
CA ASP E 92 -13.75 18.83 -18.25
C ASP E 92 -15.03 19.55 -18.67
N THR E 93 -14.92 20.66 -19.40
CA THR E 93 -16.10 21.34 -19.93
C THR E 93 -16.83 20.44 -20.90
N ALA E 94 -18.11 20.22 -20.66
CA ALA E 94 -18.90 19.26 -21.42
C ALA E 94 -20.30 19.25 -20.87
N VAL E 95 -21.22 18.68 -21.63
CA VAL E 95 -22.49 18.25 -21.08
C VAL E 95 -22.30 16.87 -20.46
N TYR E 96 -22.80 16.69 -19.24
CA TYR E 96 -22.70 15.46 -18.48
C TYR E 96 -24.07 14.80 -18.42
N TYR E 97 -24.10 13.49 -18.66
CA TYR E 97 -25.32 12.71 -18.75
C TYR E 97 -25.23 11.54 -17.80
N CYS E 98 -26.33 11.28 -17.09
CA CYS E 98 -26.45 10.07 -16.31
C CYS E 98 -27.32 9.06 -17.04
N THR E 99 -27.03 7.79 -16.80
CA THR E 99 -27.69 6.69 -17.47
C THR E 99 -27.98 5.59 -16.46
N ALA E 100 -28.91 4.71 -16.83
CA ALA E 100 -29.24 3.53 -16.03
C ALA E 100 -29.27 2.30 -16.93
N THR E 101 -28.76 1.20 -16.40
CA THR E 101 -28.73 -0.09 -17.07
C THR E 101 -29.60 -1.07 -16.28
N ARG E 102 -30.58 -1.66 -16.95
CA ARG E 102 -31.48 -2.63 -16.32
C ARG E 102 -30.76 -3.95 -16.01
N ALA E 103 -31.16 -4.58 -14.91
CA ALA E 103 -30.76 -5.95 -14.64
C ALA E 103 -31.10 -6.85 -15.82
N TYR E 104 -30.11 -7.60 -16.26
CA TYR E 104 -30.21 -8.59 -17.34
C TYR E 104 -30.25 -7.91 -18.71
N SER E 105 -29.97 -6.62 -18.79
CA SER E 105 -29.75 -5.93 -20.05
C SER E 105 -28.24 -5.72 -20.20
N VAL E 106 -27.86 -5.03 -21.27
CA VAL E 106 -26.49 -4.55 -21.46
C VAL E 106 -26.54 -3.15 -22.02
N GLY E 107 -25.45 -2.43 -21.87
CA GLY E 107 -25.41 -1.10 -22.38
C GLY E 107 -26.20 -0.15 -21.50
N TYR E 108 -26.82 0.84 -22.12
CA TYR E 108 -27.27 2.05 -21.44
C TYR E 108 -28.72 2.30 -21.85
N ASP E 109 -29.62 1.75 -21.04
CA ASP E 109 -31.04 1.66 -21.37
C ASP E 109 -31.76 3.00 -21.26
N TYR E 110 -31.42 3.82 -20.27
CA TYR E 110 -32.12 5.07 -20.02
C TYR E 110 -31.07 6.15 -19.90
N TRP E 111 -31.37 7.33 -20.46
CA TRP E 111 -30.47 8.47 -20.50
C TRP E 111 -31.21 9.72 -20.05
N GLY E 112 -30.54 10.53 -19.23
CA GLY E 112 -31.01 11.87 -18.95
C GLY E 112 -30.70 12.79 -20.13
N GLN E 113 -31.27 13.99 -20.05
CA GLN E 113 -31.01 15.02 -21.05
C GLN E 113 -29.72 15.79 -20.78
N GLY E 114 -29.15 15.64 -19.60
CA GLY E 114 -27.84 16.20 -19.33
C GLY E 114 -27.84 17.49 -18.53
N THR E 115 -26.65 17.84 -18.05
CA THR E 115 -26.42 19.08 -17.33
C THR E 115 -25.07 19.64 -17.77
N GLN E 116 -25.04 20.93 -18.08
CA GLN E 116 -23.84 21.57 -18.62
C GLN E 116 -22.85 21.93 -17.53
N VAL E 117 -21.58 21.58 -17.74
CA VAL E 117 -20.48 21.98 -16.89
C VAL E 117 -19.51 22.80 -17.72
N THR E 118 -19.09 23.94 -17.19
N THR E 118 -19.18 23.99 -17.26
CA THR E 118 -18.17 24.83 -17.87
CA THR E 118 -18.16 24.80 -17.90
C THR E 118 -17.05 25.23 -16.92
C THR E 118 -17.06 25.12 -16.90
N VAL E 119 -15.81 24.99 -17.33
CA VAL E 119 -14.65 25.19 -16.48
C VAL E 119 -13.80 26.26 -17.13
N SER E 120 -13.46 27.30 -16.38
CA SER E 120 -12.72 28.42 -16.89
C SER E 120 -11.34 28.04 -17.40
N SER E 121 -10.78 28.98 -18.14
CA SER E 121 -9.41 28.87 -18.61
C SER E 121 -8.46 29.23 -17.48
N GLY F 1 -10.35 -15.10 -6.62
CA GLY F 1 -11.48 -14.89 -7.57
C GLY F 1 -11.07 -15.31 -8.97
N SER F 2 -12.04 -15.28 -9.88
CA SER F 2 -11.79 -15.80 -11.22
C SER F 2 -10.93 -14.82 -12.02
N GLN F 3 -10.10 -15.40 -12.88
CA GLN F 3 -9.21 -14.68 -13.77
C GLN F 3 -9.60 -15.03 -15.19
N VAL F 4 -9.54 -14.04 -16.08
CA VAL F 4 -9.79 -14.20 -17.51
C VAL F 4 -8.70 -13.42 -18.22
N GLN F 5 -8.30 -13.89 -19.41
CA GLN F 5 -7.33 -13.18 -20.25
C GLN F 5 -7.94 -12.99 -21.62
N LEU F 6 -7.71 -11.81 -22.18
CA LEU F 6 -8.22 -11.42 -23.49
C LEU F 6 -7.08 -11.08 -24.42
N VAL F 7 -7.19 -11.50 -25.69
CA VAL F 7 -6.20 -11.11 -26.69
C VAL F 7 -6.90 -10.74 -27.99
N GLU F 8 -6.72 -9.51 -28.45
CA GLU F 8 -7.34 -9.04 -29.67
C GLU F 8 -6.43 -9.28 -30.87
N SER F 9 -7.06 -9.46 -32.03
CA SER F 9 -6.34 -9.57 -33.28
C SER F 9 -7.20 -9.00 -34.38
N GLY F 10 -6.59 -8.83 -35.56
CA GLY F 10 -7.30 -8.40 -36.76
C GLY F 10 -7.06 -6.98 -37.17
N GLY F 11 -6.41 -6.16 -36.34
CA GLY F 11 -6.15 -4.79 -36.72
C GLY F 11 -5.21 -4.70 -37.89
N GLY F 12 -5.36 -3.63 -38.64
CA GLY F 12 -4.51 -3.43 -39.77
C GLY F 12 -4.82 -2.12 -40.42
N LEU F 13 -4.12 -1.89 -41.51
CA LEU F 13 -4.41 -0.80 -42.43
C LEU F 13 -5.60 -1.17 -43.29
N VAL F 14 -6.46 -0.19 -43.52
CA VAL F 14 -7.66 -0.37 -44.32
C VAL F 14 -7.94 0.95 -45.01
N GLN F 15 -8.45 0.90 -46.23
CA GLN F 15 -8.79 2.13 -46.92
C GLN F 15 -10.15 2.66 -46.44
N ALA F 16 -10.34 3.97 -46.59
CA ALA F 16 -11.59 4.60 -46.19
C ALA F 16 -12.77 3.92 -46.88
N GLY F 17 -13.84 3.71 -46.12
CA GLY F 17 -15.02 3.02 -46.61
C GLY F 17 -14.89 1.52 -46.65
N GLY F 18 -13.70 0.98 -46.41
CA GLY F 18 -13.48 -0.44 -46.43
C GLY F 18 -14.00 -1.06 -45.16
N SER F 19 -13.65 -2.35 -44.99
N SER F 19 -13.65 -2.34 -44.99
CA SER F 19 -14.11 -3.13 -43.87
CA SER F 19 -14.14 -3.10 -43.85
C SER F 19 -12.95 -3.88 -43.25
C SER F 19 -13.03 -3.97 -43.29
N LEU F 20 -13.15 -4.24 -41.98
CA LEU F 20 -12.17 -5.01 -41.25
C LEU F 20 -12.94 -5.73 -40.15
N ARG F 21 -12.47 -6.91 -39.77
CA ARG F 21 -13.05 -7.67 -38.67
C ARG F 21 -12.02 -7.87 -37.57
N LEU F 22 -12.32 -7.35 -36.39
CA LEU F 22 -11.50 -7.61 -35.22
C LEU F 22 -12.05 -8.80 -34.46
N SER F 23 -11.16 -9.53 -33.81
CA SER F 23 -11.52 -10.65 -32.97
C SER F 23 -10.86 -10.50 -31.61
N CYS F 24 -11.45 -11.13 -30.60
CA CYS F 24 -10.79 -11.23 -29.32
C CYS F 24 -11.06 -12.62 -28.76
N THR F 25 -10.02 -13.32 -28.36
CA THR F 25 -10.14 -14.64 -27.76
C THR F 25 -10.03 -14.50 -26.25
N ALA F 26 -10.96 -15.11 -25.52
CA ALA F 26 -10.96 -15.09 -24.06
C ALA F 26 -10.53 -16.45 -23.56
N SER F 27 -9.71 -16.45 -22.52
CA SER F 27 -9.26 -17.68 -21.90
C SER F 27 -9.42 -17.53 -20.40
N GLY F 28 -9.33 -18.67 -19.72
CA GLY F 28 -9.59 -18.69 -18.29
C GLY F 28 -11.04 -19.00 -17.96
N ARG F 29 -11.54 -18.39 -16.89
CA ARG F 29 -12.87 -18.69 -16.36
C ARG F 29 -13.93 -17.84 -17.07
N THR F 30 -14.12 -18.15 -18.35
CA THR F 30 -14.97 -17.32 -19.17
C THR F 30 -16.46 -17.48 -18.82
N GLY F 31 -16.85 -18.54 -18.12
CA GLY F 31 -18.22 -18.67 -17.67
C GLY F 31 -18.64 -17.60 -16.68
N THR F 32 -17.68 -16.90 -16.07
CA THR F 32 -17.99 -15.85 -15.10
C THR F 32 -18.27 -14.52 -15.78
N ILE F 33 -18.13 -14.43 -17.08
CA ILE F 33 -18.25 -13.16 -17.78
C ILE F 33 -19.71 -12.87 -18.07
N TYR F 34 -20.15 -11.67 -17.70
CA TYR F 34 -21.49 -11.20 -18.01
C TYR F 34 -21.58 -10.55 -19.38
N SER F 35 -20.62 -9.70 -19.73
CA SER F 35 -20.67 -8.99 -20.99
C SER F 35 -19.25 -8.69 -21.43
N MET F 36 -19.12 -8.37 -22.73
CA MET F 36 -17.86 -7.96 -23.34
C MET F 36 -18.12 -6.64 -24.05
N ALA F 37 -17.08 -5.81 -24.16
CA ALA F 37 -17.23 -4.50 -24.80
C ALA F 37 -15.96 -4.12 -25.53
N TRP F 38 -16.13 -3.37 -26.61
CA TRP F 38 -15.00 -2.76 -27.30
C TRP F 38 -14.91 -1.27 -26.97
N PHE F 39 -13.66 -0.82 -26.85
CA PHE F 39 -13.25 0.55 -26.66
C PHE F 39 -12.25 0.89 -27.74
N ARG F 40 -11.96 2.18 -27.90
CA ARG F 40 -10.81 2.59 -28.72
C ARG F 40 -10.12 3.77 -28.04
N GLN F 41 -8.85 3.95 -28.37
CA GLN F 41 -8.09 5.11 -27.95
C GLN F 41 -7.15 5.54 -29.05
N ALA F 42 -7.33 6.73 -29.53
CA ALA F 42 -6.36 7.35 -30.39
C ALA F 42 -5.29 8.01 -29.52
N PRO F 43 -4.09 8.17 -30.04
CA PRO F 43 -2.99 8.69 -29.21
C PRO F 43 -3.35 10.01 -28.54
N GLY F 44 -3.14 10.07 -27.23
CA GLY F 44 -3.43 11.27 -26.49
C GLY F 44 -4.90 11.56 -26.28
N LYS F 45 -5.80 10.77 -26.86
CA LYS F 45 -7.23 11.00 -26.74
C LYS F 45 -7.82 10.17 -25.62
N GLU F 46 -9.09 10.44 -25.36
CA GLU F 46 -9.87 9.67 -24.41
C GLU F 46 -9.92 8.19 -24.84
N ARG F 47 -10.01 7.32 -23.86
CA ARG F 47 -10.40 5.94 -24.14
C ARG F 47 -11.92 5.85 -24.21
N GLU F 48 -12.47 5.58 -25.40
CA GLU F 48 -13.89 5.72 -25.73
C GLU F 48 -14.59 4.37 -25.72
N PHE F 49 -15.61 4.20 -24.88
CA PHE F 49 -16.50 3.05 -24.96
C PHE F 49 -17.28 3.10 -26.27
N LEU F 50 -17.40 1.95 -26.95
CA LEU F 50 -18.06 1.87 -28.23
C LEU F 50 -19.30 0.98 -28.24
N ALA F 51 -19.19 -0.25 -27.77
CA ALA F 51 -20.24 -1.23 -27.98
C ALA F 51 -20.07 -2.37 -26.98
N THR F 52 -21.18 -3.04 -26.65
CA THR F 52 -21.18 -4.14 -25.70
C THR F 52 -22.13 -5.24 -26.16
N VAL F 53 -21.81 -6.47 -25.77
CA VAL F 53 -22.65 -7.64 -26.02
C VAL F 53 -22.77 -8.47 -24.74
N GLY F 54 -23.97 -8.98 -24.47
CA GLY F 54 -24.13 -9.89 -23.36
C GLY F 54 -23.49 -11.22 -23.70
N TRP F 55 -22.65 -11.72 -22.80
CA TRP F 55 -21.89 -12.94 -23.10
C TRP F 55 -22.80 -14.14 -23.21
N SER F 56 -23.76 -14.25 -22.31
CA SER F 56 -24.78 -15.28 -22.44
C SER F 56 -25.91 -14.81 -23.36
N SER F 57 -26.45 -13.61 -23.12
CA SER F 57 -27.70 -13.25 -23.78
C SER F 57 -27.54 -12.90 -25.25
N GLY F 58 -26.40 -12.35 -25.67
CA GLY F 58 -26.27 -11.83 -27.02
C GLY F 58 -26.92 -10.48 -27.27
N ILE F 59 -27.52 -9.85 -26.28
CA ILE F 59 -28.06 -8.51 -26.44
C ILE F 59 -26.89 -7.57 -26.73
N THR F 60 -27.12 -6.57 -27.59
CA THR F 60 -26.07 -5.62 -27.95
C THR F 60 -26.51 -4.18 -27.70
N TYR F 61 -25.51 -3.30 -27.58
CA TYR F 61 -25.73 -1.86 -27.42
C TYR F 61 -24.54 -1.14 -28.05
N TYR F 62 -24.83 -0.02 -28.73
CA TYR F 62 -23.85 0.78 -29.45
C TYR F 62 -23.98 2.26 -29.11
N MET F 63 -22.83 2.93 -28.94
CA MET F 63 -22.79 4.38 -28.96
C MET F 63 -23.01 4.88 -30.38
N ASP F 64 -23.49 6.11 -30.50
CA ASP F 64 -23.77 6.70 -31.81
C ASP F 64 -22.53 6.81 -32.68
N SER F 65 -21.34 6.93 -32.10
CA SER F 65 -20.13 7.04 -32.89
C SER F 65 -19.93 5.84 -33.82
N VAL F 66 -20.49 4.67 -33.46
CA VAL F 66 -20.26 3.47 -34.24
C VAL F 66 -21.54 2.75 -34.66
N LYS F 67 -22.69 3.11 -34.08
CA LYS F 67 -23.93 2.40 -34.37
C LYS F 67 -24.24 2.46 -35.86
N GLY F 68 -24.54 1.29 -36.44
CA GLY F 68 -24.82 1.15 -37.85
C GLY F 68 -23.60 0.85 -38.68
N ARG F 69 -22.42 1.12 -38.13
CA ARG F 69 -21.17 0.97 -38.85
C ARG F 69 -20.42 -0.26 -38.41
N PHE F 70 -20.33 -0.50 -37.11
CA PHE F 70 -19.65 -1.64 -36.55
C PHE F 70 -20.68 -2.53 -35.88
N THR F 71 -20.50 -3.84 -35.97
CA THR F 71 -21.37 -4.82 -35.34
C THR F 71 -20.55 -5.65 -34.36
N ILE F 72 -20.99 -5.72 -33.12
CA ILE F 72 -20.36 -6.56 -32.12
C ILE F 72 -21.13 -7.86 -32.05
N SER F 73 -20.42 -8.98 -31.87
CA SER F 73 -21.05 -10.28 -31.73
C SER F 73 -20.12 -11.18 -30.96
N ARG F 74 -20.62 -12.35 -30.56
CA ARG F 74 -19.82 -13.26 -29.78
C ARG F 74 -20.20 -14.68 -30.15
N ASP F 75 -19.26 -15.58 -29.91
CA ASP F 75 -19.47 -17.02 -30.02
C ASP F 75 -19.01 -17.59 -28.69
N LYS F 76 -19.97 -17.86 -27.79
CA LYS F 76 -19.63 -18.12 -26.40
C LYS F 76 -18.90 -19.45 -26.28
N GLY F 77 -19.38 -20.47 -26.99
CA GLY F 77 -18.74 -21.77 -26.95
C GLY F 77 -17.32 -21.75 -27.49
N LYS F 78 -17.03 -20.82 -28.40
CA LYS F 78 -15.69 -20.66 -28.97
C LYS F 78 -14.86 -19.59 -28.26
N ASN F 79 -15.37 -19.02 -27.19
CA ASN F 79 -14.65 -18.03 -26.39
C ASN F 79 -14.15 -16.85 -27.22
N THR F 80 -14.95 -16.40 -28.19
CA THR F 80 -14.51 -15.34 -29.07
C THR F 80 -15.54 -14.22 -29.17
N VAL F 81 -15.03 -12.99 -29.22
CA VAL F 81 -15.82 -11.80 -29.45
C VAL F 81 -15.34 -11.18 -30.74
N TYR F 82 -16.25 -10.54 -31.48
CA TYR F 82 -15.95 -9.93 -32.76
C TYR F 82 -16.39 -8.49 -32.80
N LEU F 83 -15.68 -7.69 -33.59
CA LEU F 83 -16.14 -6.35 -33.97
C LEU F 83 -15.99 -6.27 -35.49
N GLN F 84 -17.10 -6.37 -36.19
CA GLN F 84 -17.11 -6.24 -37.64
C GLN F 84 -17.22 -4.76 -37.96
N MET F 85 -16.19 -4.21 -38.59
CA MET F 85 -16.11 -2.78 -38.85
C MET F 85 -16.42 -2.56 -40.31
N ASP F 86 -17.61 -2.10 -40.58
CA ASP F 86 -17.90 -1.57 -41.89
C ASP F 86 -17.91 -0.02 -41.87
N SER F 87 -17.90 0.57 -43.05
CA SER F 87 -18.06 2.03 -43.19
C SER F 87 -16.96 2.78 -42.45
N LEU F 88 -15.75 2.29 -42.58
CA LEU F 88 -14.66 2.91 -41.86
C LEU F 88 -14.39 4.32 -42.38
N LYS F 89 -14.11 5.25 -41.47
CA LYS F 89 -13.82 6.65 -41.73
C LYS F 89 -12.41 6.98 -41.26
N PRO F 90 -11.75 7.97 -41.87
CA PRO F 90 -10.38 8.30 -41.45
C PRO F 90 -10.27 8.48 -39.95
N GLU F 91 -11.31 9.07 -39.34
CA GLU F 91 -11.35 9.36 -37.92
C GLU F 91 -11.46 8.11 -37.05
N ASP F 92 -11.63 6.92 -37.63
CA ASP F 92 -11.68 5.67 -36.86
C ASP F 92 -10.30 5.13 -36.50
N THR F 93 -9.22 5.75 -36.97
CA THR F 93 -7.87 5.32 -36.63
C THR F 93 -7.65 5.38 -35.13
N ALA F 94 -7.23 4.27 -34.53
CA ALA F 94 -7.07 4.17 -33.09
C ALA F 94 -6.60 2.76 -32.75
N VAL F 95 -6.16 2.58 -31.50
CA VAL F 95 -6.02 1.24 -30.91
C VAL F 95 -7.38 0.81 -30.38
N TYR F 96 -7.82 -0.38 -30.76
CA TYR F 96 -9.10 -0.95 -30.34
C TYR F 96 -8.83 -2.02 -29.27
N TYR F 97 -9.60 -1.95 -28.19
CA TYR F 97 -9.46 -2.85 -27.05
C TYR F 97 -10.76 -3.59 -26.78
N CYS F 98 -10.65 -4.86 -26.48
CA CYS F 98 -11.79 -5.62 -25.97
C CYS F 98 -11.65 -5.75 -24.46
N THR F 99 -12.79 -5.81 -23.79
CA THR F 99 -12.86 -5.91 -22.34
C THR F 99 -13.95 -6.89 -21.96
N ALA F 100 -13.88 -7.38 -20.73
CA ALA F 100 -14.87 -8.27 -20.16
C ALA F 100 -15.30 -7.74 -18.80
N THR F 101 -16.60 -7.87 -18.51
CA THR F 101 -17.18 -7.49 -17.22
C THR F 101 -17.67 -8.76 -16.56
N ARG F 102 -17.19 -9.03 -15.35
CA ARG F 102 -17.57 -10.22 -14.61
C ARG F 102 -18.99 -10.09 -14.04
N ALA F 103 -19.67 -11.21 -13.96
CA ALA F 103 -20.98 -11.22 -13.31
C ALA F 103 -20.87 -10.66 -11.91
N TYR F 104 -21.81 -9.78 -11.57
CA TYR F 104 -21.93 -9.13 -10.27
C TYR F 104 -20.88 -8.06 -10.05
N SER F 105 -20.10 -7.70 -11.07
CA SER F 105 -19.20 -6.58 -11.02
C SER F 105 -19.85 -5.39 -11.72
N VAL F 106 -19.09 -4.30 -11.85
CA VAL F 106 -19.46 -3.18 -12.69
C VAL F 106 -18.19 -2.73 -13.41
N GLY F 107 -18.37 -1.99 -14.48
CA GLY F 107 -17.20 -1.51 -15.18
C GLY F 107 -16.50 -2.61 -15.94
N TYR F 108 -15.19 -2.48 -16.07
CA TYR F 108 -14.43 -3.20 -17.09
C TYR F 108 -13.26 -3.91 -16.40
N ASP F 109 -13.52 -5.18 -16.04
CA ASP F 109 -12.67 -5.96 -15.16
C ASP F 109 -11.40 -6.46 -15.84
N TYR F 110 -11.46 -6.82 -17.12
CA TYR F 110 -10.35 -7.38 -17.84
C TYR F 110 -10.23 -6.65 -19.17
N TRP F 111 -9.00 -6.41 -19.59
CA TRP F 111 -8.66 -5.67 -20.80
C TRP F 111 -7.69 -6.47 -21.66
N GLY F 112 -7.88 -6.40 -22.97
CA GLY F 112 -6.86 -6.91 -23.86
C GLY F 112 -5.70 -5.94 -24.03
N GLN F 113 -4.73 -6.35 -24.86
CA GLN F 113 -3.55 -5.53 -25.12
C GLN F 113 -3.79 -4.48 -26.18
N GLY F 114 -4.82 -4.66 -26.99
CA GLY F 114 -5.18 -3.72 -28.04
C GLY F 114 -4.69 -4.16 -29.40
N THR F 115 -5.42 -3.76 -30.44
CA THR F 115 -5.05 -3.98 -31.84
C THR F 115 -5.25 -2.68 -32.61
N GLN F 116 -4.26 -2.30 -33.40
CA GLN F 116 -4.27 -1.03 -34.11
C GLN F 116 -5.11 -1.13 -35.39
N VAL F 117 -5.94 -0.13 -35.61
CA VAL F 117 -6.65 0.06 -36.87
C VAL F 117 -6.25 1.42 -37.42
N THR F 118 -5.80 1.45 -38.67
CA THR F 118 -5.40 2.69 -39.31
C THR F 118 -6.09 2.79 -40.65
N VAL F 119 -6.88 3.84 -40.82
CA VAL F 119 -7.65 4.04 -42.03
C VAL F 119 -6.89 5.00 -42.95
N SER F 120 -6.29 4.45 -44.00
CA SER F 120 -5.41 5.18 -44.87
C SER F 120 -5.18 4.46 -46.17
N GLY G 1 32.64 -0.59 36.44
CA GLY G 1 32.63 0.43 37.54
C GLY G 1 31.40 1.29 37.47
N SER G 2 31.41 2.34 38.28
CA SER G 2 30.25 3.20 38.48
C SER G 2 30.64 4.67 38.41
N GLN G 3 31.44 5.07 37.40
CA GLN G 3 31.81 6.47 37.27
C GLN G 3 30.64 7.36 36.92
N VAL G 4 29.58 6.80 36.37
CA VAL G 4 28.29 7.45 36.22
C VAL G 4 27.30 6.57 36.96
N GLN G 5 26.37 7.19 37.67
CA GLN G 5 25.28 6.48 38.31
C GLN G 5 23.97 7.08 37.88
N LEU G 6 22.93 6.24 37.89
CA LEU G 6 21.62 6.58 37.35
C LEU G 6 20.55 6.19 38.35
N VAL G 7 19.48 7.00 38.45
CA VAL G 7 18.33 6.61 39.24
C VAL G 7 17.06 7.04 38.52
N GLU G 8 16.16 6.09 38.33
CA GLU G 8 14.90 6.30 37.63
C GLU G 8 13.81 6.69 38.61
N SER G 9 12.82 7.42 38.10
CA SER G 9 11.62 7.72 38.86
C SER G 9 10.46 7.83 37.88
N GLY G 10 9.26 7.90 38.43
CA GLY G 10 8.07 8.10 37.65
C GLY G 10 7.23 6.86 37.46
N GLY G 11 7.73 5.68 37.81
CA GLY G 11 6.94 4.47 37.70
C GLY G 11 5.72 4.50 38.59
N GLY G 12 4.71 3.73 38.19
CA GLY G 12 3.51 3.64 38.98
C GLY G 12 2.51 2.74 38.32
N LEU G 13 1.37 2.62 38.99
CA LEU G 13 0.19 1.98 38.46
C LEU G 13 -0.50 2.93 37.48
N VAL G 14 -0.99 2.37 36.37
CA VAL G 14 -1.61 3.17 35.33
C VAL G 14 -2.64 2.30 34.62
N GLN G 15 -3.75 2.92 34.22
CA GLN G 15 -4.80 2.22 33.49
C GLN G 15 -4.40 1.99 32.05
N ALA G 16 -4.86 0.89 31.48
CA ALA G 16 -4.63 0.61 30.08
C ALA G 16 -5.12 1.77 29.22
N GLY G 17 -4.33 2.12 28.20
CA GLY G 17 -4.62 3.25 27.35
C GLY G 17 -4.10 4.56 27.89
N GLY G 18 -3.61 4.58 29.12
CA GLY G 18 -3.11 5.80 29.72
C GLY G 18 -1.66 6.06 29.38
N SER G 19 -1.12 7.08 30.04
CA SER G 19 0.25 7.50 29.84
C SER G 19 0.97 7.66 31.17
N LEU G 20 2.30 7.56 31.10
CA LEU G 20 3.17 7.80 32.23
C LEU G 20 4.46 8.38 31.65
N ARG G 21 5.14 9.23 32.41
CA ARG G 21 6.44 9.77 32.01
C ARG G 21 7.49 9.34 33.02
N LEU G 22 8.48 8.57 32.57
CA LEU G 22 9.60 8.19 33.39
C LEU G 22 10.72 9.19 33.24
N SER G 23 11.52 9.33 34.29
N SER G 23 11.49 9.35 34.31
CA SER G 23 12.70 10.16 34.23
CA SER G 23 12.68 10.20 34.34
C SER G 23 13.85 9.43 34.89
C SER G 23 13.85 9.38 34.85
N CYS G 24 15.06 9.84 34.53
CA CYS G 24 16.26 9.28 35.11
C CYS G 24 17.27 10.39 35.26
N THR G 25 17.82 10.52 36.46
CA THR G 25 18.84 11.50 36.74
C THR G 25 20.19 10.79 36.81
N ALA G 26 21.18 11.38 36.15
CA ALA G 26 22.54 10.87 36.11
C ALA G 26 23.44 11.72 36.98
N SER G 27 24.37 11.07 37.63
CA SER G 27 25.36 11.70 38.49
C SER G 27 26.72 11.17 38.10
N GLY G 28 27.74 11.85 38.56
CA GLY G 28 29.10 11.43 38.28
C GLY G 28 29.68 12.04 37.04
N ARG G 29 30.43 11.27 36.27
CA ARG G 29 31.19 11.78 35.12
C ARG G 29 30.32 11.85 33.86
N THR G 30 29.29 12.70 33.93
CA THR G 30 28.26 12.65 32.90
C THR G 30 28.75 13.24 31.59
N GLY G 31 29.86 14.00 31.62
CA GLY G 31 30.44 14.46 30.37
C GLY G 31 30.96 13.34 29.49
N THR G 32 31.19 12.18 30.08
CA THR G 32 31.65 11.02 29.33
C THR G 32 30.53 10.26 28.64
N ILE G 33 29.28 10.63 28.83
CA ILE G 33 28.19 9.83 28.29
C ILE G 33 27.97 10.16 26.82
N TYR G 34 27.91 9.11 25.99
CA TYR G 34 27.58 9.24 24.59
C TYR G 34 26.09 9.10 24.31
N SER G 35 25.43 8.14 24.95
CA SER G 35 24.02 7.91 24.72
C SER G 35 23.40 7.32 25.97
N MET G 36 22.06 7.40 26.02
CA MET G 36 21.26 6.81 27.08
C MET G 36 20.19 5.94 26.43
N ALA G 37 19.77 4.91 27.14
CA ALA G 37 18.76 4.01 26.59
C ALA G 37 17.89 3.44 27.68
N TRP G 38 16.62 3.19 27.34
CA TRP G 38 15.71 2.52 28.22
C TRP G 38 15.54 1.06 27.81
N PHE G 39 15.44 0.21 28.83
CA PHE G 39 15.17 -1.22 28.75
C PHE G 39 13.97 -1.49 29.64
N ARG G 40 13.40 -2.69 29.48
CA ARG G 40 12.44 -3.16 30.48
C ARG G 40 12.64 -4.64 30.69
N GLN G 41 12.17 -5.11 31.84
CA GLN G 41 12.10 -6.54 32.11
C GLN G 41 10.89 -6.83 33.00
N ALA G 42 10.01 -7.69 32.51
CA ALA G 42 8.94 -8.22 33.34
C ALA G 42 9.30 -9.62 33.82
N GLU G 46 13.10 -11.68 29.10
CA GLU G 46 14.47 -11.18 29.11
C GLU G 46 14.44 -9.66 29.21
N ARG G 47 15.57 -9.06 29.59
CA ARG G 47 15.68 -7.60 29.57
C ARG G 47 15.71 -7.14 28.13
N GLU G 48 14.76 -6.29 27.77
CA GLU G 48 14.52 -5.87 26.39
C GLU G 48 14.98 -4.42 26.19
N PHE G 49 15.92 -4.21 25.26
CA PHE G 49 16.25 -2.87 24.79
C PHE G 49 15.06 -2.25 24.08
N LEU G 50 14.74 -0.99 24.40
CA LEU G 50 13.58 -0.30 23.82
C LEU G 50 13.93 0.90 22.95
N ALA G 51 14.76 1.81 23.45
CA ALA G 51 14.96 3.10 22.78
C ALA G 51 16.23 3.73 23.29
N THR G 52 16.85 4.57 22.44
CA THR G 52 18.09 5.24 22.78
C THR G 52 18.05 6.68 22.27
N VAL G 53 18.78 7.53 22.97
CA VAL G 53 18.95 8.93 22.59
C VAL G 53 20.42 9.31 22.71
N GLY G 54 20.93 10.04 21.72
CA GLY G 54 22.28 10.57 21.84
C GLY G 54 22.34 11.64 22.93
N TRP G 55 23.30 11.52 23.83
CA TRP G 55 23.36 12.45 24.95
C TRP G 55 23.70 13.85 24.47
N SER G 56 24.65 13.96 23.55
CA SER G 56 24.90 15.25 22.92
C SER G 56 23.95 15.47 21.75
N SER G 57 23.85 14.48 20.85
CA SER G 57 23.20 14.75 19.56
C SER G 57 21.69 14.84 19.66
N GLY G 58 21.07 14.13 20.60
CA GLY G 58 19.63 14.04 20.62
C GLY G 58 19.01 13.15 19.56
N ILE G 59 19.81 12.47 18.74
CA ILE G 59 19.28 11.52 17.78
C ILE G 59 18.62 10.37 18.54
N THR G 60 17.48 9.87 18.05
CA THR G 60 16.74 8.81 18.71
C THR G 60 16.55 7.60 17.81
N TYR G 61 16.35 6.46 18.46
CA TYR G 61 16.05 5.21 17.78
C TYR G 61 15.14 4.39 18.68
N TYR G 62 14.14 3.73 18.08
CA TYR G 62 13.14 2.95 18.80
C TYR G 62 13.02 1.57 18.20
N MET G 63 12.92 0.55 19.07
CA MET G 63 12.48 -0.77 18.63
C MET G 63 10.98 -0.72 18.30
N ASP G 64 10.57 -1.62 17.41
CA ASP G 64 9.17 -1.63 16.97
C ASP G 64 8.18 -1.88 18.10
N SER G 65 8.60 -2.56 19.18
CA SER G 65 7.68 -2.83 20.27
C SER G 65 7.14 -1.53 20.87
N VAL G 66 7.89 -0.43 20.77
CA VAL G 66 7.48 0.82 21.41
C VAL G 66 7.43 1.99 20.44
N LYS G 67 7.95 1.82 19.23
CA LYS G 67 8.04 2.92 18.28
C LYS G 67 6.66 3.46 17.97
N GLY G 68 6.53 4.79 17.93
CA GLY G 68 5.26 5.40 17.64
C GLY G 68 4.34 5.55 18.83
N ARG G 69 4.63 4.91 19.98
CA ARG G 69 3.91 5.06 21.23
C ARG G 69 4.74 5.72 22.32
N PHE G 70 6.04 5.41 22.39
CA PHE G 70 6.91 5.95 23.42
C PHE G 70 7.84 6.96 22.76
N THR G 71 8.24 7.99 23.52
CA THR G 71 9.19 9.00 23.07
C THR G 71 10.29 9.13 24.12
N ILE G 72 11.52 9.00 23.69
CA ILE G 72 12.69 9.20 24.53
C ILE G 72 13.25 10.59 24.26
N SER G 73 13.69 11.27 25.32
CA SER G 73 14.27 12.60 25.19
C SER G 73 15.24 12.82 26.34
N ARG G 74 16.00 13.91 26.26
CA ARG G 74 17.00 14.19 27.28
C ARG G 74 17.19 15.70 27.44
N ASP G 75 17.66 16.08 28.63
CA ASP G 75 18.00 17.45 28.95
C ASP G 75 19.40 17.39 29.54
N LYS G 76 20.41 17.66 28.70
CA LYS G 76 21.78 17.39 29.07
C LYS G 76 22.22 18.27 30.23
N GLY G 77 21.77 19.52 30.24
CA GLY G 77 22.14 20.44 31.31
C GLY G 77 21.58 20.03 32.65
N LYS G 78 20.41 19.37 32.65
CA LYS G 78 19.78 18.89 33.87
C LYS G 78 20.17 17.45 34.20
N ASN G 79 21.06 16.86 33.41
CA ASN G 79 21.47 15.49 33.67
C ASN G 79 20.28 14.54 33.75
N THR G 80 19.27 14.77 32.91
CA THR G 80 18.06 13.97 32.97
C THR G 80 17.67 13.38 31.61
N VAL G 81 17.14 12.16 31.64
CA VAL G 81 16.61 11.45 30.49
C VAL G 81 15.15 11.15 30.78
N TYR G 82 14.31 11.15 29.75
CA TYR G 82 12.89 10.90 29.91
C TYR G 82 12.42 9.79 28.98
N LEU G 83 11.38 9.07 29.42
CA LEU G 83 10.63 8.17 28.56
C LEU G 83 9.14 8.48 28.72
N GLN G 84 8.55 9.09 27.71
CA GLN G 84 7.12 9.33 27.67
C GLN G 84 6.44 8.09 27.11
N MET G 85 5.53 7.51 27.86
CA MET G 85 4.92 6.24 27.50
C MET G 85 3.44 6.48 27.31
N ASP G 86 2.99 6.42 26.06
CA ASP G 86 1.59 6.60 25.72
C ASP G 86 0.98 5.29 25.24
N SER G 87 -0.35 5.27 25.19
CA SER G 87 -1.11 4.13 24.70
C SER G 87 -0.67 2.84 25.38
N LEU G 88 -0.59 2.87 26.70
CA LEU G 88 -0.04 1.74 27.44
C LEU G 88 -0.97 0.54 27.39
N LYS G 89 -0.37 -0.64 27.37
CA LYS G 89 -1.09 -1.90 27.34
C LYS G 89 -0.64 -2.79 28.49
N PRO G 90 -1.48 -3.74 28.91
CA PRO G 90 -1.08 -4.64 30.02
C PRO G 90 0.30 -5.25 29.81
N GLU G 91 0.62 -5.62 28.58
CA GLU G 91 1.90 -6.22 28.23
C GLU G 91 3.09 -5.28 28.42
N ASP G 92 2.87 -3.97 28.64
CA ASP G 92 3.96 -3.06 28.95
C ASP G 92 4.36 -3.09 30.42
N THR G 93 3.65 -3.85 31.25
CA THR G 93 3.99 -3.97 32.66
C THR G 93 5.40 -4.55 32.76
N ALA G 94 6.24 -3.89 33.54
CA ALA G 94 7.63 -4.29 33.65
C ALA G 94 8.34 -3.33 34.59
N VAL G 95 9.54 -3.74 35.01
CA VAL G 95 10.49 -2.79 35.56
C VAL G 95 11.21 -2.15 34.38
N TYR G 96 11.28 -0.84 34.38
CA TYR G 96 11.95 -0.08 33.34
C TYR G 96 13.26 0.46 33.89
N TYR G 97 14.33 0.23 33.14
CA TYR G 97 15.67 0.62 33.51
C TYR G 97 16.20 1.63 32.53
N CYS G 98 16.89 2.64 33.03
CA CYS G 98 17.66 3.51 32.18
C CYS G 98 19.13 3.12 32.27
N THR G 99 19.83 3.35 31.16
CA THR G 99 21.22 2.98 31.02
C THR G 99 21.96 4.14 30.35
N ALA G 100 23.28 4.12 30.48
CA ALA G 100 24.15 5.07 29.81
C ALA G 100 25.31 4.31 29.19
N THR G 101 25.72 4.75 28.01
CA THR G 101 26.85 4.22 27.26
C THR G 101 27.90 5.33 27.20
N ARG G 102 29.10 5.04 27.69
CA ARG G 102 30.20 5.98 27.70
C ARG G 102 30.84 6.11 26.31
N ALA G 103 31.34 7.31 26.01
CA ALA G 103 32.07 7.53 24.77
C ALA G 103 33.24 6.56 24.69
N TYR G 104 33.38 5.97 23.52
CA TYR G 104 34.45 5.04 23.18
C TYR G 104 34.26 3.68 23.82
N SER G 105 33.11 3.43 24.43
CA SER G 105 32.71 2.09 24.84
C SER G 105 31.67 1.54 23.88
N VAL G 106 31.13 0.37 24.21
CA VAL G 106 30.02 -0.23 23.49
C VAL G 106 29.08 -0.83 24.53
N GLY G 107 27.83 -1.09 24.11
CA GLY G 107 26.89 -1.72 25.00
C GLY G 107 26.40 -0.75 26.04
N TYR G 108 26.09 -1.29 27.22
CA TYR G 108 25.25 -0.60 28.21
C TYR G 108 26.05 -0.58 29.52
N ASP G 109 26.91 0.46 29.62
CA ASP G 109 27.93 0.53 30.67
C ASP G 109 27.34 0.70 32.05
N TYR G 110 26.32 1.54 32.21
CA TYR G 110 25.78 1.92 33.50
C TYR G 110 24.28 1.68 33.48
N TRP G 111 23.78 1.15 34.60
CA TRP G 111 22.36 0.79 34.76
C TRP G 111 21.79 1.41 36.02
N GLY G 112 20.57 1.94 35.94
CA GLY G 112 19.85 2.31 37.14
C GLY G 112 19.24 1.10 37.82
N GLN G 113 18.60 1.35 38.94
CA GLN G 113 17.97 0.29 39.72
C GLN G 113 16.58 -0.10 39.19
N GLY G 114 16.01 0.74 38.36
CA GLY G 114 14.72 0.45 37.77
C GLY G 114 13.57 1.17 38.47
N THR G 115 12.50 1.39 37.72
CA THR G 115 11.24 1.90 38.23
C THR G 115 10.12 1.04 37.68
N GLN G 116 9.21 0.61 38.54
CA GLN G 116 8.15 -0.31 38.14
C GLN G 116 7.00 0.44 37.45
N VAL G 117 6.52 -0.14 36.35
CA VAL G 117 5.31 0.31 35.66
C VAL G 117 4.35 -0.87 35.64
N THR G 118 3.13 -0.66 36.14
CA THR G 118 2.13 -1.70 36.19
C THR G 118 0.86 -1.18 35.53
N VAL G 119 0.47 -1.81 34.42
CA VAL G 119 -0.64 -1.32 33.64
C VAL G 119 -1.82 -2.24 33.91
N SER H 2 20.86 1.11 0.20
CA SER H 2 21.51 0.94 1.50
C SER H 2 23.03 1.07 1.38
N GLN H 3 23.62 1.86 2.25
CA GLN H 3 25.05 2.11 2.16
C GLN H 3 25.87 0.95 2.72
N VAL H 4 25.30 0.19 3.65
CA VAL H 4 25.93 -1.00 4.23
C VAL H 4 24.92 -2.13 4.11
N GLN H 5 25.41 -3.32 3.77
CA GLN H 5 24.59 -4.52 3.72
C GLN H 5 25.17 -5.57 4.65
N LEU H 6 24.29 -6.32 5.32
CA LEU H 6 24.69 -7.32 6.29
C LEU H 6 24.00 -8.65 5.93
N VAL H 7 24.74 -9.75 5.91
CA VAL H 7 24.18 -11.07 5.59
C VAL H 7 24.68 -12.07 6.62
N GLU H 8 23.75 -12.64 7.38
CA GLU H 8 24.08 -13.62 8.41
C GLU H 8 24.06 -15.03 7.85
N SER H 9 24.87 -15.90 8.46
CA SER H 9 24.88 -17.32 8.17
C SER H 9 25.29 -18.05 9.44
N GLY H 10 25.24 -19.38 9.38
CA GLY H 10 25.73 -20.19 10.47
C GLY H 10 24.68 -20.79 11.37
N GLY H 11 23.42 -20.41 11.20
CA GLY H 11 22.36 -20.99 11.99
C GLY H 11 22.18 -22.45 11.66
N GLY H 12 21.35 -23.09 12.44
CA GLY H 12 20.96 -24.46 12.19
C GLY H 12 20.34 -25.07 13.43
N LEU H 13 20.02 -26.35 13.31
CA LEU H 13 19.52 -27.15 14.40
C LEU H 13 20.70 -27.73 15.16
N VAL H 14 20.64 -27.65 16.48
CA VAL H 14 21.70 -28.16 17.35
C VAL H 14 21.07 -28.79 18.57
N GLN H 15 21.73 -29.78 19.11
CA GLN H 15 21.27 -30.41 20.33
C GLN H 15 21.64 -29.54 21.52
N ALA H 16 20.73 -29.46 22.48
CA ALA H 16 21.03 -28.74 23.71
C ALA H 16 22.39 -29.13 24.26
N GLY H 17 23.14 -28.13 24.72
CA GLY H 17 24.50 -28.30 25.17
C GLY H 17 25.55 -28.13 24.09
N GLY H 18 25.15 -28.19 22.82
CA GLY H 18 26.06 -28.03 21.70
C GLY H 18 26.43 -26.58 21.42
N SER H 19 27.09 -26.39 20.28
N SER H 19 27.08 -26.37 20.28
CA SER H 19 27.65 -25.11 19.89
CA SER H 19 27.60 -25.06 19.94
C SER H 19 27.29 -24.80 18.45
C SER H 19 27.43 -24.79 18.45
N LEU H 20 27.26 -23.51 18.13
CA LEU H 20 27.13 -23.01 16.77
C LEU H 20 27.97 -21.75 16.69
N ARG H 21 28.36 -21.38 15.48
N ARG H 21 28.43 -21.41 15.50
CA ARG H 21 29.08 -20.14 15.22
CA ARG H 21 29.04 -20.13 15.26
C ARG H 21 28.34 -19.36 14.13
C ARG H 21 28.26 -19.41 14.17
N LEU H 22 27.68 -18.28 14.51
CA LEU H 22 27.06 -17.42 13.52
C LEU H 22 28.09 -16.48 12.95
N SER H 23 27.89 -16.13 11.69
CA SER H 23 28.70 -15.15 11.01
C SER H 23 27.81 -14.09 10.38
N CYS H 24 28.36 -12.90 10.20
CA CYS H 24 27.69 -11.88 9.41
C CYS H 24 28.74 -11.17 8.58
N THR H 25 28.55 -11.17 7.26
CA THR H 25 29.43 -10.45 6.37
C THR H 25 28.83 -9.10 6.06
N ALA H 26 29.63 -8.08 6.26
CA ALA H 26 29.26 -6.70 5.95
C ALA H 26 29.89 -6.29 4.64
N SER H 27 29.16 -5.49 3.87
CA SER H 27 29.67 -4.93 2.65
C SER H 27 29.22 -3.48 2.55
N GLY H 28 29.84 -2.75 1.65
CA GLY H 28 29.53 -1.35 1.47
C GLY H 28 30.43 -0.46 2.31
N ARG H 29 29.85 0.56 2.92
CA ARG H 29 30.64 1.60 3.56
C ARG H 29 30.98 1.21 5.01
N THR H 30 31.76 0.14 5.12
CA THR H 30 32.00 -0.45 6.43
C THR H 30 32.87 0.41 7.32
N GLY H 31 33.66 1.33 6.76
CA GLY H 31 34.45 2.24 7.56
C GLY H 31 33.64 3.30 8.27
N THR H 32 32.36 3.42 7.93
CA THR H 32 31.46 4.32 8.65
C THR H 32 30.89 3.67 9.89
N ILE H 33 31.16 2.39 10.13
CA ILE H 33 30.55 1.65 11.24
C ILE H 33 31.40 1.76 12.49
N TYR H 34 30.74 2.10 13.60
CA TYR H 34 31.35 2.14 14.92
C TYR H 34 31.25 0.79 15.66
N SER H 35 30.10 0.15 15.61
CA SER H 35 29.91 -1.11 16.33
C SER H 35 28.91 -1.98 15.60
N MET H 36 28.97 -3.27 15.92
CA MET H 36 28.05 -4.25 15.40
C MET H 36 27.41 -4.97 16.59
N ALA H 37 26.16 -5.42 16.44
CA ALA H 37 25.49 -6.05 17.55
C ALA H 37 24.58 -7.17 17.06
N TRP H 38 24.44 -8.21 17.86
CA TRP H 38 23.51 -9.29 17.62
C TRP H 38 22.26 -9.13 18.47
N PHE H 39 21.14 -9.43 17.85
CA PHE H 39 19.82 -9.52 18.44
C PHE H 39 19.26 -10.91 18.15
N ARG H 40 18.20 -11.29 18.87
CA ARG H 40 17.42 -12.46 18.49
C ARG H 40 15.94 -12.18 18.68
N GLN H 41 15.12 -12.96 18.00
CA GLN H 41 13.68 -12.92 18.21
C GLN H 41 13.17 -14.36 18.32
N ALA H 42 12.81 -14.69 19.43
CA ALA H 42 12.25 -16.01 19.64
C ALA H 42 10.74 -16.01 19.37
N PRO H 43 10.12 -17.09 18.90
CA PRO H 43 8.69 -17.06 18.55
C PRO H 43 7.82 -16.51 19.68
N GLY H 44 6.93 -15.60 19.32
CA GLY H 44 6.06 -15.02 20.33
C GLY H 44 6.70 -14.04 21.28
N LYS H 45 7.97 -13.66 21.07
CA LYS H 45 8.65 -12.70 21.92
C LYS H 45 9.10 -11.50 21.11
N GLU H 46 9.39 -10.42 21.84
CA GLU H 46 9.94 -9.22 21.24
C GLU H 46 11.41 -9.45 20.92
N ARG H 47 11.88 -8.75 19.91
CA ARG H 47 13.29 -8.76 19.55
C ARG H 47 14.13 -8.29 20.73
N GLU H 48 15.23 -8.99 20.98
CA GLU H 48 16.08 -8.79 22.15
C GLU H 48 17.51 -8.52 21.72
N PHE H 49 18.05 -7.37 22.14
CA PHE H 49 19.47 -7.10 22.03
C PHE H 49 20.25 -8.10 22.89
N LEU H 50 21.37 -8.61 22.37
CA LEU H 50 22.21 -9.59 23.07
C LEU H 50 23.62 -9.12 23.38
N ALA H 51 24.36 -8.61 22.38
CA ALA H 51 25.79 -8.38 22.55
C ALA H 51 26.26 -7.43 21.46
N THR H 52 27.36 -6.72 21.73
N THR H 52 27.35 -6.71 21.77
CA THR H 52 27.91 -5.78 20.77
CA THR H 52 27.96 -5.69 20.91
C THR H 52 29.42 -5.80 20.83
C THR H 52 29.46 -5.93 20.81
N VAL H 53 30.03 -5.54 19.67
CA VAL H 53 31.47 -5.44 19.51
C VAL H 53 31.80 -4.12 18.82
N GLY H 54 32.85 -3.44 19.31
CA GLY H 54 33.37 -2.27 18.60
C GLY H 54 34.06 -2.74 17.32
N TRP H 55 33.67 -2.13 16.21
CA TRP H 55 34.07 -2.65 14.90
C TRP H 55 35.57 -2.51 14.70
N SER H 56 36.13 -1.39 15.13
CA SER H 56 37.57 -1.22 15.08
C SER H 56 38.25 -1.54 16.40
N SER H 57 37.59 -1.32 17.53
CA SER H 57 38.26 -1.47 18.82
C SER H 57 38.23 -2.90 19.35
N GLY H 58 37.24 -3.69 19.03
CA GLY H 58 37.13 -5.01 19.63
C GLY H 58 36.58 -5.03 21.04
N ILE H 59 36.17 -3.88 21.58
CA ILE H 59 35.52 -3.84 22.89
C ILE H 59 34.20 -4.58 22.78
N THR H 60 33.78 -5.26 23.85
CA THR H 60 32.57 -6.06 23.82
C THR H 60 31.67 -5.74 25.01
N TYR H 61 30.41 -6.14 24.85
CA TYR H 61 29.40 -6.08 25.91
C TYR H 61 28.40 -7.20 25.69
N TYR H 62 27.98 -7.84 26.77
CA TYR H 62 27.01 -8.93 26.73
C TYR H 62 25.89 -8.71 27.73
N MET H 63 24.66 -8.94 27.30
CA MET H 63 23.56 -9.06 28.24
C MET H 63 23.72 -10.32 29.07
N ASP H 64 23.15 -10.28 30.28
CA ASP H 64 23.25 -11.42 31.18
C ASP H 64 22.68 -12.69 30.56
N SER H 65 21.72 -12.56 29.66
CA SER H 65 21.11 -13.73 29.02
C SER H 65 22.13 -14.60 28.30
N VAL H 66 23.26 -14.01 27.85
CA VAL H 66 24.23 -14.73 27.03
C VAL H 66 25.65 -14.64 27.57
N LYS H 67 25.89 -13.75 28.53
CA LYS H 67 27.25 -13.54 29.01
C LYS H 67 27.80 -14.84 29.60
N GLY H 68 29.05 -15.14 29.27
CA GLY H 68 29.71 -16.35 29.72
C GLY H 68 29.42 -17.57 28.88
N ARG H 69 28.47 -17.49 27.95
CA ARG H 69 28.17 -18.59 27.03
C ARG H 69 28.46 -18.23 25.58
N PHE H 70 28.16 -17.01 25.19
CA PHE H 70 28.37 -16.55 23.82
C PHE H 70 29.55 -15.59 23.80
N THR H 71 30.29 -15.60 22.68
CA THR H 71 31.42 -14.72 22.47
C THR H 71 31.24 -14.02 21.14
N ILE H 72 31.24 -12.70 21.17
CA ILE H 72 31.12 -11.89 19.98
C ILE H 72 32.52 -11.44 19.60
N SER H 73 32.81 -11.42 18.31
CA SER H 73 34.11 -11.01 17.84
C SER H 73 33.96 -10.46 16.44
N ARG H 74 35.03 -9.85 15.96
CA ARG H 74 35.04 -9.29 14.63
C ARG H 74 36.37 -9.59 13.98
N ASP H 75 36.37 -9.72 12.65
CA ASP H 75 37.57 -9.86 11.82
C ASP H 75 37.45 -8.82 10.73
N LYS H 76 38.12 -7.69 10.97
CA LYS H 76 38.00 -6.54 10.10
C LYS H 76 38.42 -6.89 8.69
N GLY H 77 39.51 -7.66 8.55
CA GLY H 77 40.07 -7.95 7.25
C GLY H 77 39.17 -8.82 6.39
N LYS H 78 38.25 -9.54 6.99
CA LYS H 78 37.25 -10.34 6.30
C LYS H 78 35.88 -9.68 6.30
N ASN H 79 35.74 -8.46 6.82
CA ASN H 79 34.46 -7.78 6.90
C ASN H 79 33.40 -8.65 7.56
N THR H 80 33.80 -9.38 8.59
CA THR H 80 32.92 -10.35 9.22
C THR H 80 32.84 -10.15 10.73
N VAL H 81 31.66 -10.38 11.25
CA VAL H 81 31.36 -10.41 12.69
C VAL H 81 30.92 -11.83 13.01
N TYR H 82 31.28 -12.33 14.19
CA TYR H 82 30.93 -13.67 14.62
C TYR H 82 30.20 -13.63 15.95
N LEU H 83 29.34 -14.62 16.15
CA LEU H 83 28.76 -14.92 17.46
C LEU H 83 28.97 -16.41 17.70
N GLN H 84 29.97 -16.74 18.53
CA GLN H 84 30.20 -18.10 18.96
C GLN H 84 29.21 -18.41 20.08
N MET H 85 28.41 -19.44 19.89
CA MET H 85 27.34 -19.78 20.83
CA MET H 85 27.35 -19.78 20.84
C MET H 85 27.63 -21.14 21.43
N ASP H 86 28.08 -21.16 22.67
CA ASP H 86 28.34 -22.38 23.41
C ASP H 86 27.26 -22.61 24.46
N SER H 87 27.19 -23.86 24.93
CA SER H 87 26.27 -24.24 25.99
C SER H 87 24.85 -23.82 25.65
N LEU H 88 24.43 -24.21 24.44
CA LEU H 88 23.12 -23.80 23.96
C LEU H 88 22.01 -24.46 24.73
N LYS H 89 20.93 -23.72 24.95
CA LYS H 89 19.78 -24.17 25.70
C LYS H 89 18.55 -24.06 24.82
N PRO H 90 17.49 -24.83 25.09
CA PRO H 90 16.28 -24.70 24.27
C PRO H 90 15.85 -23.27 24.10
N GLU H 91 15.90 -22.48 25.18
CA GLU H 91 15.44 -21.09 25.15
C GLU H 91 16.28 -20.19 24.27
N ASP H 92 17.41 -20.67 23.73
CA ASP H 92 18.17 -19.92 22.74
C ASP H 92 17.60 -20.06 21.33
N THR H 93 16.55 -20.88 21.15
CA THR H 93 15.89 -21.02 19.85
C THR H 93 15.30 -19.67 19.44
N ALA H 94 15.66 -19.19 18.25
CA ALA H 94 15.26 -17.85 17.82
C ALA H 94 15.83 -17.60 16.44
N VAL H 95 15.33 -16.55 15.78
CA VAL H 95 16.03 -15.97 14.62
C VAL H 95 17.02 -14.95 15.15
N TYR H 96 18.27 -15.07 14.72
CA TYR H 96 19.36 -14.18 15.13
C TYR H 96 19.68 -13.19 14.03
N TYR H 97 19.81 -11.92 14.41
CA TYR H 97 20.07 -10.82 13.49
C TYR H 97 21.33 -10.10 13.89
N CYS H 98 22.12 -9.71 12.90
CA CYS H 98 23.23 -8.82 13.14
C CYS H 98 22.86 -7.43 12.63
N THR H 99 23.45 -6.42 13.28
CA THR H 99 23.19 -5.03 13.02
C THR H 99 24.50 -4.27 13.04
N ALA H 100 24.44 -3.05 12.49
CA ALA H 100 25.58 -2.14 12.50
C ALA H 100 25.08 -0.75 12.88
N THR H 101 25.90 -0.04 13.64
CA THR H 101 25.64 1.32 14.09
C THR H 101 26.77 2.21 13.56
N ARG H 102 26.39 3.25 12.83
CA ARG H 102 27.36 4.18 12.27
C ARG H 102 27.98 5.09 13.32
N ALA H 103 29.23 5.44 13.08
CA ALA H 103 29.91 6.44 13.88
C ALA H 103 29.07 7.72 13.92
N TYR H 104 28.86 8.20 15.12
CA TYR H 104 28.16 9.45 15.44
C TYR H 104 26.65 9.34 15.28
N SER H 105 26.13 8.14 15.05
CA SER H 105 24.71 7.83 15.08
C SER H 105 24.39 7.20 16.44
N VAL H 106 23.13 6.82 16.59
CA VAL H 106 22.68 6.05 17.75
C VAL H 106 21.68 5.02 17.25
N GLY H 107 21.53 3.96 17.98
CA GLY H 107 20.58 2.95 17.58
C GLY H 107 21.19 1.98 16.61
N TYR H 108 20.34 1.38 15.78
CA TYR H 108 20.67 0.19 15.01
C TYR H 108 20.33 0.52 13.56
N ASP H 109 21.33 1.07 12.87
CA ASP H 109 21.15 1.68 11.54
C ASP H 109 20.87 0.64 10.46
N TYR H 110 21.58 -0.47 10.49
CA TYR H 110 21.51 -1.49 9.44
C TYR H 110 21.23 -2.84 10.09
N TRP H 111 20.42 -3.67 9.42
CA TRP H 111 20.00 -4.97 9.89
C TRP H 111 20.19 -5.99 8.79
N GLY H 112 20.63 -7.17 9.15
CA GLY H 112 20.57 -8.30 8.27
C GLY H 112 19.20 -8.93 8.22
N GLN H 113 19.10 -9.98 7.42
CA GLN H 113 17.82 -10.67 7.25
C GLN H 113 17.59 -11.77 8.26
N GLY H 114 18.61 -12.19 8.98
CA GLY H 114 18.46 -13.15 10.05
C GLY H 114 18.93 -14.53 9.66
N THR H 115 19.26 -15.32 10.69
CA THR H 115 19.57 -16.73 10.54
C THR H 115 18.90 -17.51 11.68
N GLN H 116 18.23 -18.63 11.34
CA GLN H 116 17.46 -19.39 12.31
C GLN H 116 18.36 -20.30 13.12
N VAL H 117 18.18 -20.28 14.44
CA VAL H 117 18.84 -21.18 15.37
C VAL H 117 17.77 -21.97 16.08
N THR H 118 17.91 -23.29 16.13
CA THR H 118 16.93 -24.13 16.79
C THR H 118 17.69 -25.10 17.67
N VAL H 119 17.28 -25.18 18.94
CA VAL H 119 18.00 -25.97 19.93
C VAL H 119 17.06 -27.01 20.49
N SER H 120 17.46 -28.27 20.41
CA SER H 120 16.62 -29.38 20.84
C SER H 120 16.24 -29.40 22.29
N1 CFF I . 12.32 -20.68 -19.37
C2 CFF I . 10.94 -20.53 -19.30
C10 CFF I . 13.17 -19.88 -18.51
C6 CFF I . 12.95 -21.57 -20.24
N3 CFF I . 10.12 -21.26 -20.09
O11 CFF I . 10.47 -19.70 -18.50
C12 CFF I . 8.67 -21.12 -20.02
C4 CFF I . 10.69 -22.15 -20.98
C5 CFF I . 12.05 -22.27 -21.04
N9 CFF I . 10.04 -22.94 -21.81
O13 CFF I . 14.16 -21.66 -20.30
N7 CFF I . 12.32 -23.20 -21.99
C8 CFF I . 11.09 -23.56 -22.42
C14 CFF I . 13.62 -23.68 -22.41
H101 CFF I . 12.66 -19.57 -17.75
H102 CFF I . 13.52 -19.12 -19.01
H103 CFF I . 13.91 -20.42 -18.19
H121 CFF I . 8.45 -20.29 -19.55
H122 CFF I . 8.29 -21.87 -19.54
H123 CFF I . 8.31 -21.08 -20.91
H81 CFF I . 10.99 -24.19 -23.10
H141 CFF I . 14.16 -22.95 -22.74
H142 CFF I . 13.52 -24.35 -23.10
H143 CFF I . 14.09 -24.08 -21.66
C TRS J . -6.50 -0.01 -15.50
C1 TRS J . -7.81 -0.60 -14.99
C2 TRS J . -5.34 -0.54 -14.69
C3 TRS J . -6.57 1.50 -15.41
N TRS J . -6.30 -0.39 -16.90
O1 TRS J . -7.85 -1.97 -15.31
O2 TRS J . -5.53 -0.21 -13.32
O3 TRS J . -5.32 2.04 -15.75
H11 TRS J . -7.87 -0.47 -13.91
H12 TRS J . -8.66 -0.09 -15.44
H21 TRS J . -4.41 -0.10 -15.05
H22 TRS J . -5.26 -1.62 -14.79
H31 TRS J . -7.34 1.89 -16.09
H32 TRS J . -6.84 1.81 -14.39
HN1 TRS J . -6.21 -1.37 -17.16
HN2 TRS J . -6.99 -0.14 -17.61
HN3 TRS J . -5.48 -0.06 -17.40
HO1 TRS J . -8.68 -2.37 -14.97
HO2 TRS J . -4.76 -0.55 -12.80
HO3 TRS J . -5.41 3.00 -15.92
N1 CFF K . -12.30 20.94 19.64
C2 CFF K . -12.26 21.20 18.28
C10 CFF K . -11.72 19.69 20.13
C6 CFF K . -12.85 21.79 20.58
N3 CFF K . -12.81 22.34 17.80
O11 CFF K . -11.77 20.37 17.54
C12 CFF K . -12.77 22.62 16.40
C4 CFF K . -13.35 23.23 18.68
C5 CFF K . -13.38 22.94 20.02
N9 CFF K . -13.91 24.40 18.42
O13 CFF K . -12.86 21.54 21.78
N7 CFF K . -13.99 23.95 20.68
C8 CFF K . -14.29 24.79 19.67
C14 CFF K . -14.23 24.11 22.10
H101 CFF K . -11.12 19.33 19.45
H102 CFF K . -12.44 19.05 20.31
H103 CFF K . -11.23 19.86 20.95
H121 CFF K . -12.49 21.82 15.91
H122 CFF K . -12.14 23.34 16.23
H123 CFF K . -13.65 22.88 16.09
H81 CFF K . -14.74 25.60 19.83
H141 CFF K . -14.78 23.38 22.43
H142 CFF K . -14.69 24.95 22.27
H143 CFF K . -13.40 24.11 22.58
CL CL L . -39.12 -1.40 -9.54
N1 CFF M . -23.73 -7.09 -14.87
C2 CFF M . -24.44 -6.18 -15.50
C10 CFF M . -22.28 -6.97 -14.91
C6 CFF M . -24.27 -8.18 -14.16
N3 CFF M . -25.79 -6.24 -15.50
O11 CFF M . -23.90 -5.23 -16.14
C12 CFF M . -26.56 -5.24 -16.17
C4 CFF M . -26.39 -7.27 -14.78
C5 CFF M . -25.65 -8.17 -14.19
N9 CFF M . -27.69 -7.47 -14.70
O13 CFF M . -23.59 -9.01 -13.60
N7 CFF M . -26.46 -9.12 -13.59
C8 CFF M . -27.68 -8.61 -13.95
C14 CFF M . -26.17 -10.27 -12.78
H101 CFF M . -22.04 -6.06 -15.15
H102 CFF M . -21.92 -7.58 -15.57
H103 CFF M . -21.91 -7.17 -14.03
H121 CFF M . -26.04 -4.87 -16.90
H122 CFF M . -26.81 -4.54 -15.56
H123 CFF M . -27.37 -5.64 -16.53
H81 CFF M . -28.46 -9.04 -13.68
H141 CFF M . -26.75 -10.31 -12.01
H142 CFF M . -25.25 -10.25 -12.47
H143 CFF M . -26.29 -11.08 -13.30
CL CL N . -23.83 8.21 -28.09
N1 CFF O . 29.54 5.34 20.99
C2 CFF O . 28.68 4.94 20.00
C10 CFF O . 29.32 4.81 22.33
C6 CFF O . 30.63 6.23 20.78
N3 CFF O . 28.85 5.43 18.74
O11 CFF O . 27.73 4.15 20.24
C12 CFF O . 27.94 5.02 17.69
C4 CFF O . 29.91 6.31 18.48
C5 CFF O . 30.73 6.68 19.48
N9 CFF O . 30.19 6.85 17.28
O13 CFF O . 31.36 6.59 21.70
N7 CFF O . 31.65 7.55 18.98
C8 CFF O . 31.28 7.60 17.67
C14 CFF O . 32.75 8.21 19.63
H101 CFF O . 28.80 3.99 22.28
H102 CFF O . 28.83 5.46 22.86
H103 CFF O . 30.17 4.62 22.75
H121 CFF O . 27.06 4.85 18.09
H122 CFF O . 28.26 4.21 17.28
H123 CFF O . 27.86 5.72 17.03
H81 CFF O . 31.75 8.14 17.08
H141 CFF O . 32.44 8.72 20.39
H142 CFF O . 33.19 8.82 19.01
H143 CFF O . 33.40 7.56 19.93
CL CL P . 33.53 3.30 4.25
#